data_4RO9
#
_entry.id   4RO9
#
_cell.length_a   171.329
_cell.length_b   42.264
_cell.length_c   185.623
_cell.angle_alpha   90.000
_cell.angle_beta   116.940
_cell.angle_gamma   90.000
#
_symmetry.space_group_name_H-M   'I 1 2 1'
#
loop_
_entity.id
_entity.type
_entity.pdbx_description
1 polymer 'Serpin 2'
2 non-polymer GLYCEROL
3 water water
#
_entity_poly.entity_id   1
_entity_poly.type   'polypeptide(L)'
_entity_poly.pdbx_seq_one_letter_code
;MGHHHHHHGQQDVHGPFQGQRQNEFDLMFVKEIFKNHNSNVVLSPFSVKILLTLIYEASDTSFGNAVSNTKRELSSVIQN
DNIDHTRSYYKQLLESAQQDNKDYDLNIATNFFVDDFIEVINKYQQIANTHYHAMLEKVSYSNPTQTAATINNWVSEHTN
GRLREIVTPDSLEGAVITLVNVIYFKGLWTYPFPEVANNVKPFYGTRGKPTNAQYMEQNGQFYYDNSADLGAQILRLPYR
GNKLAMYFILPNPDNTVNQVLDRINSASLHQALWYMEENEVNVTLPKFKFDFSEQLNEPLQQVGIREIFSQNASLPLLAR
GRGARDEVRVSRIFQKAGITINELGEEAYAATEIQLVNKFGGDGVQIFNANRPFIFFIEDETLGTMLFAGKIENPVF
;
_entity_poly.pdbx_strand_id   A,B,C
#
loop_
_chem_comp.id
_chem_comp.type
_chem_comp.name
_chem_comp.formula
GOL non-polymer GLYCEROL 'C3 H8 O3'
#
# COMPACT_ATOMS: atom_id res chain seq x y z
N HIS A 14 0.95 24.31 -11.70
CA HIS A 14 1.51 23.45 -12.75
C HIS A 14 3.01 23.68 -12.90
N GLY A 15 3.78 22.83 -12.23
CA GLY A 15 5.23 22.84 -12.38
C GLY A 15 5.65 21.44 -12.74
N PRO A 16 6.95 21.22 -12.96
CA PRO A 16 7.50 19.90 -13.22
C PRO A 16 7.19 18.85 -12.13
N PHE A 17 7.15 17.57 -12.52
CA PHE A 17 6.96 16.46 -11.58
C PHE A 17 8.08 16.42 -10.54
N GLN A 18 7.71 16.27 -9.27
CA GLN A 18 8.71 16.28 -8.18
C GLN A 18 8.97 14.89 -7.61
N GLY A 19 8.32 13.90 -8.19
CA GLY A 19 8.42 12.54 -7.71
C GLY A 19 9.43 11.71 -8.47
N GLN A 20 9.35 10.41 -8.30
CA GLN A 20 10.26 9.47 -8.92
C GLN A 20 9.49 8.67 -9.97
N ARG A 21 9.92 8.78 -11.22
CA ARG A 21 9.25 8.16 -12.34
C ARG A 21 9.49 6.65 -12.32
N GLN A 22 8.44 5.90 -12.65
CA GLN A 22 8.58 4.47 -12.82
C GLN A 22 8.92 4.18 -14.28
N ASN A 23 10.08 4.61 -14.72
CA ASN A 23 10.39 4.60 -16.14
C ASN A 23 11.54 3.67 -16.50
N GLU A 24 11.86 2.73 -15.62
CA GLU A 24 12.95 1.81 -15.89
C GLU A 24 12.64 1.03 -17.18
N PHE A 25 11.44 0.51 -17.30
CA PHE A 25 11.07 -0.17 -18.54
C PHE A 25 10.97 0.80 -19.73
N ASP A 26 10.30 1.92 -19.52
CA ASP A 26 10.03 2.88 -20.60
C ASP A 26 11.32 3.27 -21.31
N LEU A 27 12.34 3.61 -20.54
CA LEU A 27 13.61 4.06 -21.06
C LEU A 27 14.36 2.96 -21.79
N MET A 28 14.28 1.74 -21.27
CA MET A 28 14.93 0.60 -21.91
C MET A 28 14.33 0.35 -23.28
N PHE A 29 13.01 0.45 -23.33
CA PHE A 29 12.26 0.18 -24.54
C PHE A 29 12.45 1.28 -25.58
N VAL A 30 12.34 2.54 -25.16
CA VAL A 30 12.60 3.68 -26.04
C VAL A 30 13.99 3.56 -26.68
N LYS A 31 15.00 3.26 -25.86
CA LYS A 31 16.37 3.18 -26.38
C LYS A 31 16.50 2.10 -27.46
N GLU A 32 15.86 0.97 -27.24
CA GLU A 32 15.95 -0.15 -28.17
C GLU A 32 15.28 0.18 -29.50
N ILE A 33 14.16 0.90 -29.44
CA ILE A 33 13.49 1.33 -30.67
C ILE A 33 14.36 2.36 -31.40
N PHE A 34 14.80 3.40 -30.69
CA PHE A 34 15.56 4.50 -31.30
C PHE A 34 16.86 4.01 -31.95
N LYS A 35 17.52 3.03 -31.35
CA LYS A 35 18.78 2.54 -31.89
C LYS A 35 18.60 1.84 -33.23
N ASN A 36 17.39 1.35 -33.50
CA ASN A 36 17.18 0.59 -34.71
C ASN A 36 16.40 1.32 -35.79
N HIS A 37 16.25 2.63 -35.65
CA HIS A 37 15.58 3.41 -36.71
C HIS A 37 16.36 4.68 -37.02
N ASN A 38 16.64 4.91 -38.30
CA ASN A 38 17.32 6.12 -38.74
C ASN A 38 16.39 7.30 -38.93
N SER A 39 15.10 7.01 -38.85
CA SER A 39 14.04 7.95 -39.11
C SER A 39 13.55 8.67 -37.86
N ASN A 40 12.59 9.57 -38.05
CA ASN A 40 11.81 10.10 -36.95
C ASN A 40 11.07 8.94 -36.27
N VAL A 41 10.97 9.01 -34.96
CA VAL A 41 10.20 8.01 -34.21
C VAL A 41 9.30 8.70 -33.22
N VAL A 42 8.11 8.15 -33.06
CA VAL A 42 7.32 8.49 -31.89
C VAL A 42 6.53 7.27 -31.45
N LEU A 43 6.46 7.09 -30.13
CA LEU A 43 5.75 5.97 -29.53
C LEU A 43 5.26 6.34 -28.13
N SER A 44 4.52 5.43 -27.50
CA SER A 44 4.02 5.65 -26.16
C SER A 44 4.46 4.52 -25.24
N PRO A 45 5.53 4.74 -24.47
CA PRO A 45 6.04 3.75 -23.51
C PRO A 45 4.97 3.34 -22.49
N PHE A 46 4.29 4.33 -21.92
CA PHE A 46 3.18 4.04 -21.02
C PHE A 46 2.19 3.05 -21.64
N SER A 47 1.80 3.28 -22.88
CA SER A 47 0.80 2.42 -23.50
C SER A 47 1.36 1.01 -23.72
N VAL A 48 2.66 0.91 -24.00
CA VAL A 48 3.23 -0.41 -24.16
C VAL A 48 3.12 -1.15 -22.82
N LYS A 49 3.23 -0.43 -21.71
CA LYS A 49 3.10 -1.04 -20.40
C LYS A 49 1.66 -1.53 -20.17
N ILE A 50 0.68 -0.77 -20.66
CA ILE A 50 -0.70 -1.25 -20.66
C ILE A 50 -0.83 -2.57 -21.42
N LEU A 51 -0.26 -2.66 -22.61
CA LEU A 51 -0.32 -3.92 -23.39
C LEU A 51 0.27 -5.12 -22.66
N LEU A 52 1.45 -4.96 -22.08
CA LEU A 52 2.11 -6.04 -21.34
C LEU A 52 1.30 -6.44 -20.11
N THR A 53 0.64 -5.48 -19.48
CA THR A 53 -0.17 -5.76 -18.29
C THR A 53 -1.42 -6.49 -18.70
N LEU A 54 -1.97 -6.15 -19.87
CA LEU A 54 -3.12 -6.88 -20.39
C LEU A 54 -2.75 -8.34 -20.63
N ILE A 55 -1.55 -8.57 -21.11
CA ILE A 55 -1.13 -9.93 -21.39
C ILE A 55 -0.85 -10.68 -20.07
N TYR A 56 -0.35 -9.94 -19.11
CA TYR A 56 -0.13 -10.49 -17.76
C TYR A 56 -1.47 -10.88 -17.10
N GLU A 57 -2.46 -10.01 -17.17
CA GLU A 57 -3.80 -10.30 -16.70
C GLU A 57 -4.38 -11.54 -17.38
N ALA A 58 -3.92 -11.81 -18.61
CA ALA A 58 -4.46 -12.90 -19.42
C ALA A 58 -3.76 -14.22 -19.14
N SER A 59 -2.60 -14.14 -18.55
CA SER A 59 -1.72 -15.29 -18.43
C SER A 59 -1.96 -16.01 -17.11
N ASP A 60 -1.36 -17.20 -17.00
CA ASP A 60 -1.40 -17.98 -15.77
C ASP A 60 -0.68 -17.28 -14.62
N SER A 68 7.29 -17.05 -11.69
CA SER A 68 7.59 -17.51 -13.05
C SER A 68 8.58 -16.61 -13.76
N ASN A 69 8.89 -16.98 -15.00
CA ASN A 69 9.63 -16.13 -15.93
C ASN A 69 8.79 -14.91 -16.31
N THR A 70 7.53 -15.12 -16.63
CA THR A 70 6.66 -14.01 -17.00
C THR A 70 6.64 -12.95 -15.90
N LYS A 71 6.55 -13.37 -14.64
CA LYS A 71 6.44 -12.41 -13.55
C LYS A 71 7.76 -11.70 -13.28
N ARG A 72 8.88 -12.40 -13.44
CA ARG A 72 10.17 -11.75 -13.29
C ARG A 72 10.35 -10.75 -14.44
N GLU A 73 9.96 -11.19 -15.64
CA GLU A 73 10.17 -10.39 -16.87
C GLU A 73 9.33 -9.10 -16.89
N LEU A 74 8.16 -9.13 -16.27
CA LEU A 74 7.31 -7.96 -16.16
C LEU A 74 7.38 -7.20 -14.83
N SER A 75 8.40 -7.45 -14.01
CA SER A 75 8.47 -6.85 -12.67
C SER A 75 8.58 -5.32 -12.70
N SER A 76 8.97 -4.77 -13.86
CA SER A 76 9.09 -3.32 -13.98
C SER A 76 7.77 -2.71 -14.43
N VAL A 77 6.79 -3.55 -14.71
CA VAL A 77 5.52 -3.12 -15.28
C VAL A 77 4.37 -3.37 -14.30
N ILE A 78 4.45 -4.47 -13.57
CA ILE A 78 3.43 -4.82 -12.58
C ILE A 78 3.66 -4.10 -11.25
N GLN A 79 2.56 -3.69 -10.64
CA GLN A 79 2.62 -2.91 -9.42
C GLN A 79 2.64 -3.74 -8.14
N ASN A 80 3.84 -4.00 -7.64
CA ASN A 80 3.99 -4.60 -6.31
C ASN A 80 3.31 -5.97 -6.20
N ASP A 81 3.34 -6.72 -7.29
CA ASP A 81 2.81 -8.08 -7.33
C ASP A 81 1.33 -8.16 -6.91
N ASN A 82 0.65 -7.02 -6.88
CA ASN A 82 -0.75 -6.95 -6.47
C ASN A 82 -1.63 -6.44 -7.62
N ILE A 83 -2.64 -7.24 -7.98
CA ILE A 83 -3.42 -6.96 -9.17
C ILE A 83 -4.38 -5.79 -8.94
N ASP A 84 -4.95 -5.67 -7.74
CA ASP A 84 -5.82 -4.54 -7.46
C ASP A 84 -5.05 -3.23 -7.58
N HIS A 85 -3.80 -3.20 -7.11
CA HIS A 85 -2.98 -2.00 -7.15
C HIS A 85 -2.58 -1.69 -8.61
N THR A 86 -2.19 -2.73 -9.33
CA THR A 86 -1.81 -2.64 -10.73
C THR A 86 -2.95 -2.08 -11.58
N ARG A 87 -4.15 -2.61 -11.38
CA ARG A 87 -5.33 -2.12 -12.05
C ARG A 87 -5.65 -0.67 -11.71
N SER A 88 -5.63 -0.31 -10.44
CA SER A 88 -5.94 1.09 -10.10
C SER A 88 -4.87 2.09 -10.59
N TYR A 89 -3.62 1.65 -10.64
CA TYR A 89 -2.53 2.50 -11.10
C TYR A 89 -2.73 2.85 -12.58
N TYR A 90 -2.87 1.83 -13.42
CA TYR A 90 -3.07 2.04 -14.87
C TYR A 90 -4.35 2.81 -15.15
N LYS A 91 -5.40 2.49 -14.41
CA LYS A 91 -6.66 3.21 -14.59
C LYS A 91 -6.51 4.69 -14.23
N GLN A 92 -5.80 4.97 -13.16
CA GLN A 92 -5.62 6.34 -12.71
C GLN A 92 -4.79 7.16 -13.72
N LEU A 93 -3.71 6.56 -14.21
CA LEU A 93 -2.86 7.26 -15.18
C LEU A 93 -3.58 7.44 -16.50
N LEU A 94 -4.40 6.46 -16.90
CA LEU A 94 -5.17 6.60 -18.12
C LEU A 94 -6.17 7.74 -18.03
N GLU A 95 -6.90 7.83 -16.93
CA GLU A 95 -7.93 8.87 -16.78
C GLU A 95 -7.28 10.25 -16.61
N SER A 96 -6.15 10.31 -15.93
CA SER A 96 -5.42 11.57 -15.83
C SER A 96 -4.98 12.05 -17.22
N ALA A 97 -4.43 11.14 -18.02
CA ALA A 97 -3.87 11.53 -19.33
C ALA A 97 -4.91 12.01 -20.33
N GLN A 98 -6.00 11.28 -20.45
CA GLN A 98 -6.90 11.48 -21.58
C GLN A 98 -7.85 12.66 -21.43
N GLN A 99 -8.18 13.25 -22.57
CA GLN A 99 -8.85 14.54 -22.58
C GLN A 99 -9.14 14.96 -24.02
N ASP A 100 -10.22 15.72 -24.19
CA ASP A 100 -10.59 16.22 -25.51
C ASP A 100 -11.33 17.53 -25.30
N ASN A 101 -10.58 18.62 -25.20
CA ASN A 101 -11.18 19.91 -24.92
C ASN A 101 -10.34 21.03 -25.57
N LYS A 102 -10.62 22.28 -25.23
CA LYS A 102 -9.89 23.37 -25.89
C LYS A 102 -8.37 23.22 -25.71
N ASP A 103 -7.94 22.74 -24.55
CA ASP A 103 -6.52 22.75 -24.20
C ASP A 103 -5.70 21.64 -24.87
N TYR A 104 -6.21 20.42 -24.89
CA TYR A 104 -5.49 19.39 -25.62
C TYR A 104 -6.33 18.19 -25.95
N ASP A 105 -5.87 17.46 -26.96
CA ASP A 105 -6.56 16.29 -27.47
C ASP A 105 -5.63 15.07 -27.42
N LEU A 106 -5.87 14.19 -26.45
CA LEU A 106 -5.09 12.97 -26.26
C LEU A 106 -6.00 11.78 -26.08
N ASN A 107 -5.94 10.85 -27.02
CA ASN A 107 -6.71 9.62 -26.97
C ASN A 107 -5.82 8.39 -27.15
N ILE A 108 -6.05 7.42 -26.26
CA ILE A 108 -5.37 6.14 -26.28
C ILE A 108 -6.43 5.07 -26.52
N ALA A 109 -6.15 4.15 -27.45
CA ALA A 109 -7.09 3.08 -27.75
C ALA A 109 -6.37 1.73 -27.97
N THR A 110 -6.95 0.67 -27.43
CA THR A 110 -6.32 -0.64 -27.43
C THR A 110 -7.34 -1.74 -27.73
N ASN A 111 -6.94 -2.68 -28.59
CA ASN A 111 -7.81 -3.75 -28.99
C ASN A 111 -7.03 -5.03 -29.23
N PHE A 112 -7.61 -6.15 -28.77
CA PHE A 112 -7.20 -7.47 -29.20
C PHE A 112 -8.10 -7.89 -30.36
N PHE A 113 -7.49 -8.28 -31.48
CA PHE A 113 -8.24 -8.88 -32.57
C PHE A 113 -8.02 -10.38 -32.54
N VAL A 114 -9.10 -11.11 -32.27
CA VAL A 114 -9.02 -12.51 -31.88
C VAL A 114 -9.71 -13.39 -32.91
N ASP A 115 -9.05 -14.48 -33.29
CA ASP A 115 -9.60 -15.38 -34.29
C ASP A 115 -10.93 -15.97 -33.83
N ASP A 116 -11.77 -16.31 -34.80
CA ASP A 116 -13.13 -16.78 -34.56
C ASP A 116 -13.20 -18.03 -33.68
N PHE A 117 -12.23 -18.92 -33.83
CA PHE A 117 -12.29 -20.20 -33.13
C PHE A 117 -12.02 -20.03 -31.65
N ILE A 118 -11.57 -18.84 -31.25
CA ILE A 118 -11.23 -18.59 -29.86
C ILE A 118 -12.39 -18.00 -29.07
N GLU A 119 -12.65 -18.57 -27.89
CA GLU A 119 -13.72 -18.09 -27.05
C GLU A 119 -13.17 -17.11 -26.02
N VAL A 120 -13.55 -15.84 -26.18
CA VAL A 120 -13.13 -14.76 -25.30
C VAL A 120 -13.97 -14.76 -24.01
N ILE A 121 -13.29 -14.76 -22.88
CA ILE A 121 -13.96 -14.77 -21.57
C ILE A 121 -14.54 -13.39 -21.33
N ASN A 122 -15.84 -13.33 -21.05
CA ASN A 122 -16.46 -12.03 -20.85
C ASN A 122 -15.88 -11.22 -19.67
N LYS A 123 -15.50 -11.90 -18.59
CA LYS A 123 -14.97 -11.15 -17.46
C LYS A 123 -13.66 -10.46 -17.83
N TYR A 124 -12.85 -11.09 -18.67
CA TYR A 124 -11.64 -10.46 -19.15
C TYR A 124 -11.98 -9.19 -19.95
N GLN A 125 -12.96 -9.28 -20.83
CA GLN A 125 -13.43 -8.10 -21.56
C GLN A 125 -13.85 -7.00 -20.59
N GLN A 126 -14.42 -7.36 -19.44
CA GLN A 126 -14.81 -6.34 -18.48
C GLN A 126 -13.64 -5.68 -17.77
N ILE A 127 -12.65 -6.44 -17.36
CA ILE A 127 -11.54 -5.80 -16.69
C ILE A 127 -10.74 -4.99 -17.74
N ALA A 128 -10.60 -5.55 -18.93
CA ALA A 128 -9.90 -4.84 -20.03
C ALA A 128 -10.56 -3.50 -20.27
N ASN A 129 -11.88 -3.50 -20.47
CA ASN A 129 -12.61 -2.27 -20.62
C ASN A 129 -12.42 -1.33 -19.44
N THR A 130 -12.62 -1.80 -18.20
CA THR A 130 -12.69 -0.93 -17.03
C THR A 130 -11.38 -0.34 -16.58
N HIS A 131 -10.36 -1.17 -16.47
CA HIS A 131 -9.12 -0.69 -15.90
C HIS A 131 -8.09 -0.26 -16.96
N TYR A 132 -8.19 -0.81 -18.15
CA TYR A 132 -7.13 -0.62 -19.15
C TYR A 132 -7.60 0.10 -20.39
N HIS A 133 -8.88 0.46 -20.42
CA HIS A 133 -9.50 1.10 -21.57
C HIS A 133 -9.17 0.33 -22.85
N ALA A 134 -9.37 -0.97 -22.79
CA ALA A 134 -9.05 -1.88 -23.87
C ALA A 134 -10.25 -2.73 -24.18
N MET A 135 -10.31 -3.24 -25.40
CA MET A 135 -11.42 -4.09 -25.81
CA MET A 135 -11.43 -4.08 -25.83
C MET A 135 -10.93 -5.29 -26.59
N LEU A 136 -11.85 -6.20 -26.92
CA LEU A 136 -11.51 -7.37 -27.70
C LEU A 136 -12.59 -7.57 -28.74
N GLU A 137 -12.21 -7.99 -29.94
CA GLU A 137 -13.21 -8.33 -30.93
C GLU A 137 -12.76 -9.49 -31.81
N LYS A 138 -13.72 -10.17 -32.41
CA LYS A 138 -13.45 -11.34 -33.21
C LYS A 138 -13.27 -10.99 -34.70
N VAL A 139 -12.36 -11.69 -35.33
CA VAL A 139 -12.09 -11.57 -36.76
C VAL A 139 -11.74 -12.97 -37.24
N SER A 140 -11.59 -13.13 -38.55
CA SER A 140 -11.15 -14.40 -39.09
CA SER A 140 -11.16 -14.41 -39.11
C SER A 140 -9.79 -14.31 -39.76
N TYR A 141 -8.78 -14.86 -39.12
CA TYR A 141 -7.46 -14.83 -39.71
C TYR A 141 -7.33 -15.75 -40.93
N SER A 142 -8.41 -16.46 -41.26
CA SER A 142 -8.47 -17.22 -42.51
C SER A 142 -8.52 -16.24 -43.68
N ASN A 143 -8.91 -15.01 -43.38
CA ASN A 143 -9.06 -13.96 -44.38
C ASN A 143 -8.23 -12.75 -43.95
N PRO A 144 -6.91 -12.82 -44.13
CA PRO A 144 -6.05 -11.74 -43.64
C PRO A 144 -6.36 -10.38 -44.30
N THR A 145 -6.98 -10.40 -45.48
CA THR A 145 -7.25 -9.18 -46.25
C THR A 145 -8.39 -8.44 -45.60
N GLN A 146 -9.48 -9.15 -45.33
CA GLN A 146 -10.57 -8.53 -44.60
C GLN A 146 -10.16 -8.12 -43.19
N THR A 147 -9.36 -8.95 -42.52
CA THR A 147 -8.92 -8.68 -41.14
C THR A 147 -8.04 -7.42 -41.07
N ALA A 148 -7.09 -7.29 -42.00
CA ALA A 148 -6.29 -6.07 -42.08
C ALA A 148 -7.22 -4.86 -42.20
N ALA A 149 -8.20 -4.96 -43.07
CA ALA A 149 -9.11 -3.87 -43.31
C ALA A 149 -9.90 -3.56 -42.06
N THR A 150 -10.38 -4.61 -41.39
CA THR A 150 -11.10 -4.44 -40.11
C THR A 150 -10.24 -3.69 -39.08
N ILE A 151 -9.01 -4.15 -38.87
CA ILE A 151 -8.10 -3.49 -37.94
C ILE A 151 -7.84 -2.03 -38.32
N ASN A 152 -7.54 -1.82 -39.60
CA ASN A 152 -7.25 -0.47 -40.05
C ASN A 152 -8.44 0.47 -39.94
N ASN A 153 -9.63 -0.05 -40.17
CA ASN A 153 -10.83 0.77 -40.00
C ASN A 153 -11.03 1.09 -38.53
N TRP A 154 -10.70 0.15 -37.66
CA TRP A 154 -10.79 0.39 -36.23
C TRP A 154 -9.85 1.50 -35.84
N VAL A 155 -8.65 1.49 -36.42
CA VAL A 155 -7.67 2.53 -36.14
C VAL A 155 -8.18 3.90 -36.58
N SER A 156 -8.80 3.99 -37.74
CA SER A 156 -9.31 5.30 -38.17
C SER A 156 -10.42 5.76 -37.25
N GLU A 157 -11.32 4.85 -36.95
CA GLU A 157 -12.46 5.19 -36.13
C GLU A 157 -12.02 5.81 -34.81
N HIS A 158 -11.00 5.22 -34.18
CA HIS A 158 -10.65 5.58 -32.83
C HIS A 158 -9.59 6.68 -32.73
N THR A 159 -9.24 7.26 -33.87
CA THR A 159 -8.36 8.41 -33.87
C THR A 159 -8.97 9.51 -34.75
N ASN A 160 -10.25 9.38 -35.04
CA ASN A 160 -10.94 10.32 -35.93
C ASN A 160 -10.17 10.58 -37.21
N GLY A 161 -9.71 9.51 -37.83
CA GLY A 161 -9.05 9.58 -39.11
C GLY A 161 -7.63 10.12 -39.07
N ARG A 162 -7.14 10.45 -37.88
CA ARG A 162 -5.78 10.94 -37.72
C ARG A 162 -4.78 9.85 -38.11
N LEU A 163 -5.04 8.62 -37.67
CA LEU A 163 -4.28 7.45 -38.10
C LEU A 163 -5.27 6.57 -38.86
N ARG A 164 -4.77 5.82 -39.84
CA ARG A 164 -5.64 5.24 -40.85
C ARG A 164 -5.28 3.83 -41.20
N GLU A 165 -4.00 3.48 -41.07
CA GLU A 165 -3.55 2.11 -41.32
C GLU A 165 -2.48 1.75 -40.29
N ILE A 166 -2.39 0.46 -39.95
CA ILE A 166 -1.29 -0.03 -39.11
C ILE A 166 -0.76 -1.38 -39.60
N VAL A 167 -1.61 -2.17 -40.28
CA VAL A 167 -1.17 -3.48 -40.77
C VAL A 167 -1.51 -3.74 -42.24
N THR A 168 -0.73 -4.64 -42.84
CA THR A 168 -1.05 -5.18 -44.15
C THR A 168 -1.52 -6.61 -43.96
N PRO A 169 -2.13 -7.19 -45.00
CA PRO A 169 -2.52 -8.60 -44.91
C PRO A 169 -1.34 -9.55 -44.62
N ASP A 170 -0.14 -9.16 -45.07
CA ASP A 170 1.05 -9.99 -44.86
C ASP A 170 1.50 -10.00 -43.42
N SER A 171 1.31 -8.90 -42.70
CA SER A 171 1.77 -8.83 -41.32
C SER A 171 0.89 -9.62 -40.34
N LEU A 172 -0.15 -10.27 -40.87
CA LEU A 172 -1.06 -11.09 -40.08
C LEU A 172 -0.87 -12.57 -40.38
N GLU A 173 0.10 -12.88 -41.22
CA GLU A 173 0.35 -14.25 -41.62
C GLU A 173 0.58 -15.14 -40.41
N GLY A 174 -0.26 -16.16 -40.27
CA GLY A 174 -0.10 -17.13 -39.21
C GLY A 174 -0.65 -16.67 -37.88
N ALA A 175 -1.31 -15.51 -37.87
CA ALA A 175 -1.79 -14.94 -36.62
C ALA A 175 -3.05 -15.59 -36.07
N VAL A 176 -3.15 -15.64 -34.74
CA VAL A 176 -4.38 -16.04 -34.07
C VAL A 176 -4.94 -14.91 -33.19
N ILE A 177 -4.04 -14.13 -32.60
CA ILE A 177 -4.42 -13.01 -31.75
C ILE A 177 -3.47 -11.87 -32.06
N THR A 178 -4.01 -10.69 -32.38
CA THR A 178 -3.19 -9.51 -32.60
C THR A 178 -3.61 -8.44 -31.61
N LEU A 179 -2.65 -7.85 -30.94
CA LEU A 179 -2.91 -6.81 -29.98
C LEU A 179 -2.42 -5.51 -30.58
N VAL A 180 -3.31 -4.52 -30.64
CA VAL A 180 -3.06 -3.23 -31.29
C VAL A 180 -3.30 -2.07 -30.34
N ASN A 181 -2.30 -1.20 -30.21
CA ASN A 181 -2.46 0.05 -29.52
C ASN A 181 -2.22 1.23 -30.50
N VAL A 182 -3.11 2.22 -30.47
CA VAL A 182 -2.91 3.48 -31.17
C VAL A 182 -3.06 4.61 -30.19
N ILE A 183 -2.36 5.70 -30.47
CA ILE A 183 -2.39 6.88 -29.62
C ILE A 183 -2.11 8.10 -30.50
N TYR A 184 -2.76 9.23 -30.24
CA TYR A 184 -2.42 10.46 -30.99
C TYR A 184 -2.59 11.66 -30.07
N PHE A 185 -1.86 12.72 -30.36
CA PHE A 185 -1.90 13.90 -29.53
C PHE A 185 -1.70 15.19 -30.31
N LYS A 186 -2.42 16.23 -29.86
CA LYS A 186 -2.18 17.62 -30.23
C LYS A 186 -2.69 18.53 -29.11
N GLY A 187 -1.86 19.48 -28.69
CA GLY A 187 -2.24 20.37 -27.60
C GLY A 187 -1.89 21.82 -27.85
N LEU A 188 -2.50 22.71 -27.08
CA LEU A 188 -2.10 24.10 -27.05
C LEU A 188 -0.98 24.39 -26.04
N TRP A 189 0.07 25.08 -26.50
CA TRP A 189 1.11 25.55 -25.58
C TRP A 189 0.53 26.57 -24.60
N THR A 190 1.00 26.56 -23.37
CA THR A 190 0.76 27.66 -22.44
C THR A 190 1.43 28.92 -22.97
N TYR A 191 2.61 28.78 -23.58
CA TYR A 191 3.33 29.92 -24.16
C TYR A 191 3.50 29.73 -25.66
N PRO A 192 2.54 30.21 -26.45
CA PRO A 192 2.56 30.00 -27.89
C PRO A 192 3.78 30.65 -28.53
N PHE A 193 4.06 30.23 -29.76
CA PHE A 193 5.11 30.85 -30.54
C PHE A 193 4.43 31.84 -31.49
N PRO A 194 5.14 32.90 -31.87
CA PRO A 194 4.71 33.77 -32.97
C PRO A 194 4.60 32.98 -34.28
N GLU A 195 3.56 33.20 -35.08
CA GLU A 195 3.52 32.62 -36.43
C GLU A 195 4.27 33.50 -37.43
N VAL A 196 5.32 32.95 -38.05
CA VAL A 196 6.20 33.73 -38.90
C VAL A 196 6.24 33.26 -40.36
N ALA A 197 6.07 34.21 -41.27
CA ALA A 197 6.18 33.99 -42.72
C ALA A 197 7.41 33.18 -43.10
N ASN A 198 7.18 31.98 -43.62
CA ASN A 198 8.26 31.04 -43.89
C ASN A 198 9.52 31.37 -43.09
N ASN A 199 9.54 30.93 -41.84
CA ASN A 199 10.75 30.98 -41.05
C ASN A 199 11.52 29.71 -41.37
N VAL A 200 11.97 29.61 -42.62
CA VAL A 200 12.68 28.44 -43.10
C VAL A 200 14.17 28.62 -42.86
N LYS A 201 14.82 27.56 -42.40
CA LYS A 201 16.23 27.63 -42.05
C LYS A 201 16.81 26.22 -42.20
N PRO A 202 18.15 26.13 -42.19
CA PRO A 202 18.80 24.82 -42.28
C PRO A 202 18.53 23.94 -41.08
N PHE A 203 18.34 22.66 -41.34
CA PHE A 203 18.41 21.63 -40.30
C PHE A 203 19.54 20.69 -40.68
N TYR A 204 20.38 20.37 -39.69
CA TYR A 204 21.57 19.60 -39.93
C TYR A 204 21.41 18.19 -39.37
N GLY A 205 20.84 17.32 -40.21
CA GLY A 205 20.63 15.94 -39.85
C GLY A 205 21.95 15.20 -39.84
N THR A 206 21.88 13.92 -39.52
CA THR A 206 23.05 13.11 -39.25
C THR A 206 23.58 12.40 -40.49
N PRO A 210 22.28 18.36 -45.89
CA PRO A 210 21.29 19.03 -45.04
C PRO A 210 20.09 19.62 -45.76
N THR A 211 19.12 19.97 -44.93
CA THR A 211 17.76 20.20 -45.35
C THR A 211 17.31 21.49 -44.74
N ASN A 212 16.19 22.01 -45.24
CA ASN A 212 15.56 23.18 -44.66
C ASN A 212 14.37 22.70 -43.83
N ALA A 213 13.99 23.46 -42.82
CA ALA A 213 12.83 23.15 -42.00
C ALA A 213 12.14 24.44 -41.66
N GLN A 214 10.83 24.37 -41.37
CA GLN A 214 10.13 25.50 -40.77
C GLN A 214 10.34 25.54 -39.27
N TYR A 215 10.90 26.63 -38.77
CA TYR A 215 11.17 26.79 -37.36
C TYR A 215 10.19 27.76 -36.69
N MET A 216 10.01 27.59 -35.39
CA MET A 216 9.30 28.59 -34.60
C MET A 216 10.23 29.02 -33.50
N GLU A 217 10.08 30.27 -33.08
CA GLU A 217 11.08 30.91 -32.27
C GLU A 217 10.36 31.87 -31.34
N GLN A 218 10.74 31.82 -30.08
CA GLN A 218 10.29 32.78 -29.09
C GLN A 218 11.32 32.89 -27.96
N ASN A 219 11.23 33.99 -27.21
CA ASN A 219 11.93 34.14 -25.95
C ASN A 219 10.93 34.02 -24.82
N GLY A 220 11.32 33.36 -23.74
CA GLY A 220 10.42 33.16 -22.61
C GLY A 220 11.08 32.56 -21.39
N GLN A 221 10.27 32.33 -20.35
CA GLN A 221 10.77 31.73 -19.11
C GLN A 221 10.36 30.27 -19.13
N PHE A 222 11.36 29.40 -19.12
CA PHE A 222 11.13 27.98 -19.28
C PHE A 222 12.14 27.25 -18.39
N TYR A 223 11.69 26.14 -17.82
CA TYR A 223 12.59 25.24 -17.12
C TYR A 223 13.61 24.71 -18.13
N TYR A 224 14.86 24.72 -17.71
CA TYR A 224 15.96 24.48 -18.62
C TYR A 224 17.23 24.13 -17.88
N ASP A 225 18.08 23.33 -18.53
CA ASP A 225 19.45 23.17 -18.05
C ASP A 225 20.35 22.71 -19.19
N ASN A 226 21.64 22.92 -19.02
CA ASN A 226 22.63 22.28 -19.89
C ASN A 226 23.21 21.18 -19.02
N SER A 227 23.04 19.94 -19.43
CA SER A 227 23.45 18.80 -18.59
C SER A 227 24.79 18.25 -19.04
N ALA A 228 25.80 18.43 -18.21
CA ALA A 228 27.12 17.95 -18.54
C ALA A 228 27.13 16.43 -18.49
N ASP A 229 26.38 15.85 -17.56
CA ASP A 229 26.32 14.38 -17.47
C ASP A 229 25.69 13.75 -18.72
N LEU A 230 24.65 14.36 -19.26
CA LEU A 230 24.00 13.82 -20.47
C LEU A 230 24.68 14.31 -21.76
N GLY A 231 25.43 15.40 -21.66
CA GLY A 231 26.00 16.01 -22.85
C GLY A 231 24.93 16.61 -23.73
N ALA A 232 23.90 17.17 -23.11
CA ALA A 232 22.73 17.67 -23.83
C ALA A 232 22.06 18.81 -23.07
N GLN A 233 21.45 19.75 -23.81
CA GLN A 233 20.51 20.70 -23.26
C GLN A 233 19.11 20.07 -23.10
N ILE A 234 18.38 20.52 -22.08
CA ILE A 234 17.02 20.07 -21.83
C ILE A 234 16.10 21.28 -21.64
N LEU A 235 14.96 21.25 -22.31
CA LEU A 235 13.97 22.33 -22.28
C LEU A 235 12.58 21.75 -22.00
N ARG A 236 11.81 22.40 -21.14
CA ARG A 236 10.40 22.02 -20.90
C ARG A 236 9.49 23.09 -21.43
N LEU A 237 8.54 22.69 -22.27
CA LEU A 237 7.48 23.58 -22.72
C LEU A 237 6.15 23.04 -22.23
N PRO A 238 5.44 23.81 -21.40
CA PRO A 238 4.19 23.24 -20.88
C PRO A 238 3.00 23.39 -21.83
N TYR A 239 2.08 22.44 -21.71
CA TYR A 239 0.81 22.53 -22.40
C TYR A 239 -0.26 23.10 -21.47
N ARG A 240 -1.30 23.70 -22.04
CA ARG A 240 -2.46 24.15 -21.28
C ARG A 240 -3.14 22.94 -20.62
N GLY A 241 -3.74 23.16 -19.46
CA GLY A 241 -4.47 22.10 -18.80
C GLY A 241 -3.89 21.69 -17.47
N ASN A 242 -2.75 22.28 -17.10
CA ASN A 242 -2.13 21.99 -15.81
C ASN A 242 -1.69 20.54 -15.60
N LYS A 243 -1.32 19.85 -16.67
CA LYS A 243 -1.03 18.42 -16.59
C LYS A 243 0.21 17.99 -17.36
N LEU A 244 0.27 18.41 -18.62
CA LEU A 244 1.27 17.88 -19.54
C LEU A 244 2.35 18.92 -19.88
N ALA A 245 3.54 18.41 -20.17
CA ALA A 245 4.59 19.22 -20.79
C ALA A 245 5.34 18.39 -21.81
N MET A 246 5.90 19.04 -22.83
CA MET A 246 6.86 18.39 -23.69
C MET A 246 8.28 18.75 -23.23
N TYR A 247 9.09 17.72 -23.03
CA TYR A 247 10.52 17.89 -22.78
C TYR A 247 11.30 17.65 -24.07
N PHE A 248 12.34 18.45 -24.29
CA PHE A 248 13.24 18.28 -25.43
C PHE A 248 14.66 18.06 -24.90
N ILE A 249 15.31 17.00 -25.36
CA ILE A 249 16.72 16.76 -25.05
C ILE A 249 17.54 16.93 -26.35
N LEU A 250 18.30 18.03 -26.40
CA LEU A 250 19.09 18.40 -27.58
C LEU A 250 20.57 18.11 -27.33
N PRO A 251 21.12 17.07 -27.95
CA PRO A 251 22.54 16.80 -27.72
C PRO A 251 23.44 18.00 -28.06
N ASN A 252 24.52 18.20 -27.30
CA ASN A 252 25.49 19.25 -27.61
C ASN A 252 26.12 18.97 -28.96
N PRO A 253 26.64 20.01 -29.62
CA PRO A 253 27.14 19.84 -31.00
C PRO A 253 28.20 18.73 -31.14
N ASP A 254 29.01 18.52 -30.12
CA ASP A 254 30.00 17.44 -30.21
C ASP A 254 29.36 16.04 -30.03
N ASN A 255 28.04 16.00 -29.85
CA ASN A 255 27.36 14.78 -29.44
C ASN A 255 26.26 14.30 -30.38
N THR A 256 25.85 13.04 -30.23
CA THR A 256 24.75 12.52 -31.02
C THR A 256 23.61 12.06 -30.12
N VAL A 257 22.43 11.92 -30.72
CA VAL A 257 21.28 11.40 -29.98
C VAL A 257 21.60 10.01 -29.40
N ASN A 258 22.22 9.16 -30.20
CA ASN A 258 22.57 7.82 -29.73
C ASN A 258 23.55 7.83 -28.55
N GLN A 259 24.51 8.75 -28.55
CA GLN A 259 25.43 8.83 -27.42
C GLN A 259 24.74 9.38 -26.16
N VAL A 260 23.79 10.29 -26.34
CA VAL A 260 23.00 10.78 -25.22
C VAL A 260 22.13 9.65 -24.69
N LEU A 261 21.49 8.88 -25.58
CA LEU A 261 20.70 7.74 -25.13
C LEU A 261 21.52 6.77 -24.28
N ASP A 262 22.75 6.50 -24.71
CA ASP A 262 23.61 5.54 -24.02
C ASP A 262 23.84 5.95 -22.57
N ARG A 263 23.66 7.23 -22.28
CA ARG A 263 23.88 7.70 -20.92
C ARG A 263 22.59 8.01 -20.14
N ILE A 264 21.45 7.80 -20.79
CA ILE A 264 20.15 7.93 -20.12
C ILE A 264 19.74 6.62 -19.45
N ASN A 265 19.48 6.69 -18.15
CA ASN A 265 18.85 5.61 -17.40
C ASN A 265 17.99 6.30 -16.35
N SER A 266 17.24 5.56 -15.55
CA SER A 266 16.28 6.20 -14.65
C SER A 266 16.94 7.19 -13.71
N ALA A 267 18.07 6.81 -13.13
CA ALA A 267 18.78 7.67 -12.21
C ALA A 267 19.33 8.92 -12.91
N SER A 268 19.97 8.75 -14.07
CA SER A 268 20.64 9.88 -14.69
C SER A 268 19.62 10.87 -15.20
N LEU A 269 18.48 10.36 -15.66
CA LEU A 269 17.46 11.25 -16.20
C LEU A 269 16.76 11.97 -15.07
N HIS A 270 16.56 11.26 -13.97
CA HIS A 270 15.87 11.86 -12.84
C HIS A 270 16.67 13.05 -12.40
N GLN A 271 17.99 12.87 -12.27
CA GLN A 271 18.86 13.94 -11.80
C GLN A 271 18.96 15.10 -12.80
N ALA A 272 19.04 14.79 -14.08
CA ALA A 272 19.13 15.82 -15.12
C ALA A 272 17.90 16.70 -15.12
N LEU A 273 16.72 16.10 -15.05
CA LEU A 273 15.48 16.86 -14.95
C LEU A 273 15.39 17.62 -13.62
N TRP A 274 15.89 17.00 -12.54
CA TRP A 274 15.84 17.61 -11.22
C TRP A 274 16.62 18.93 -11.19
N TYR A 275 17.71 18.98 -11.96
CA TYR A 275 18.57 20.16 -12.01
C TYR A 275 17.98 21.32 -12.83
N MET A 276 16.91 21.08 -13.57
CA MET A 276 16.32 22.15 -14.38
C MET A 276 15.73 23.25 -13.50
N GLU A 277 16.01 24.50 -13.87
CA GLU A 277 15.47 25.68 -13.20
C GLU A 277 14.87 26.62 -14.26
N GLU A 278 13.94 27.46 -13.83
CA GLU A 278 13.36 28.42 -14.75
C GLU A 278 14.45 29.40 -15.21
N ASN A 279 14.56 29.56 -16.52
CA ASN A 279 15.56 30.44 -17.12
C ASN A 279 14.87 31.25 -18.19
N GLU A 280 15.51 32.36 -18.60
CA GLU A 280 15.09 33.05 -19.79
C GLU A 280 15.77 32.31 -20.93
N VAL A 281 14.97 31.83 -21.87
CA VAL A 281 15.53 31.05 -22.95
C VAL A 281 15.05 31.54 -24.28
N ASN A 282 15.99 31.65 -25.22
CA ASN A 282 15.63 31.83 -26.62
C ASN A 282 15.49 30.48 -27.30
N VAL A 283 14.26 30.12 -27.63
CA VAL A 283 13.91 28.78 -28.11
C VAL A 283 13.61 28.78 -29.60
N THR A 284 14.36 27.97 -30.35
CA THR A 284 14.07 27.72 -31.74
C THR A 284 13.82 26.23 -31.97
N LEU A 285 12.64 25.91 -32.47
CA LEU A 285 12.24 24.53 -32.68
C LEU A 285 11.71 24.32 -34.04
N PRO A 286 12.02 23.18 -34.66
CA PRO A 286 11.35 22.84 -35.90
C PRO A 286 9.93 22.36 -35.67
N LYS A 287 8.97 22.84 -36.46
CA LYS A 287 7.62 22.29 -36.47
C LYS A 287 7.65 20.85 -36.95
N PHE A 288 6.78 20.02 -36.41
CA PHE A 288 6.69 18.67 -36.95
C PHE A 288 5.33 17.99 -36.77
N LYS A 289 5.03 17.10 -37.71
CA LYS A 289 3.80 16.32 -37.69
C LYS A 289 4.09 15.02 -38.39
N PHE A 290 3.99 13.91 -37.68
CA PHE A 290 4.28 12.63 -38.30
C PHE A 290 3.75 11.53 -37.40
N ASP A 291 3.81 10.31 -37.92
CA ASP A 291 3.41 9.15 -37.18
C ASP A 291 4.41 8.04 -37.44
N PHE A 292 4.33 7.04 -36.59
CA PHE A 292 5.28 5.96 -36.55
C PHE A 292 4.59 4.73 -36.01
N SER A 293 4.90 3.59 -36.62
CA SER A 293 4.35 2.33 -36.13
C SER A 293 5.39 1.23 -36.18
N GLU A 294 5.21 0.21 -35.35
CA GLU A 294 6.11 -0.91 -35.37
C GLU A 294 5.49 -2.13 -34.71
N GLN A 295 5.95 -3.29 -35.14
CA GLN A 295 5.57 -4.55 -34.55
C GLN A 295 6.50 -4.71 -33.37
N LEU A 296 5.92 -4.89 -32.20
CA LEU A 296 6.71 -4.77 -30.99
C LEU A 296 7.37 -6.07 -30.50
N ASN A 297 7.01 -7.21 -31.11
CA ASN A 297 7.53 -8.51 -30.65
C ASN A 297 9.03 -8.47 -30.47
N GLU A 298 9.74 -8.04 -31.51
CA GLU A 298 11.18 -8.09 -31.55
C GLU A 298 11.84 -7.16 -30.53
N PRO A 299 11.53 -5.86 -30.59
CA PRO A 299 12.08 -4.97 -29.55
C PRO A 299 11.80 -5.45 -28.11
N LEU A 300 10.60 -5.93 -27.82
CA LEU A 300 10.29 -6.51 -26.51
C LEU A 300 11.21 -7.66 -26.15
N GLN A 301 11.38 -8.59 -27.05
CA GLN A 301 12.25 -9.72 -26.76
C GLN A 301 13.69 -9.23 -26.53
N GLN A 302 14.11 -8.23 -27.30
CA GLN A 302 15.43 -7.66 -27.11
C GLN A 302 15.63 -7.06 -25.73
N VAL A 303 14.56 -6.60 -25.09
CA VAL A 303 14.74 -6.03 -23.77
C VAL A 303 14.40 -6.94 -22.60
N GLY A 304 14.21 -8.24 -22.88
CA GLY A 304 14.10 -9.23 -21.81
C GLY A 304 12.72 -9.82 -21.68
N ILE A 305 11.79 -9.35 -22.49
CA ILE A 305 10.43 -9.86 -22.41
C ILE A 305 10.23 -10.92 -23.49
N ARG A 306 10.33 -12.18 -23.06
CA ARG A 306 10.45 -13.30 -23.99
C ARG A 306 9.41 -14.39 -23.75
N GLU A 307 9.10 -14.67 -22.49
CA GLU A 307 8.19 -15.77 -22.15
C GLU A 307 6.84 -15.65 -22.86
N ILE A 308 6.23 -14.46 -22.83
CA ILE A 308 4.93 -14.29 -23.47
C ILE A 308 4.92 -14.59 -24.98
N PHE A 309 6.09 -14.74 -25.61
CA PHE A 309 6.17 -15.11 -27.03
C PHE A 309 6.68 -16.52 -27.30
N SER A 310 6.79 -17.34 -26.26
CA SER A 310 7.40 -18.67 -26.42
C SER A 310 6.35 -19.78 -26.52
N GLN A 311 6.81 -20.95 -26.93
CA GLN A 311 5.97 -22.13 -27.06
C GLN A 311 5.21 -22.41 -25.76
N ASN A 312 5.71 -21.89 -24.66
CA ASN A 312 5.05 -22.08 -23.38
C ASN A 312 3.86 -21.15 -23.17
N ALA A 313 3.92 -19.93 -23.71
CA ALA A 313 2.97 -18.90 -23.33
C ALA A 313 1.54 -19.41 -23.48
N SER A 314 0.64 -18.90 -22.64
CA SER A 314 -0.79 -19.20 -22.77
C SER A 314 -1.59 -18.04 -22.23
N LEU A 315 -2.86 -17.98 -22.61
CA LEU A 315 -3.75 -16.91 -22.19
C LEU A 315 -5.04 -17.49 -21.61
N PRO A 316 -4.92 -18.35 -20.59
CA PRO A 316 -6.11 -19.02 -20.05
C PRO A 316 -7.17 -18.06 -19.49
N LEU A 317 -6.77 -16.90 -19.01
CA LEU A 317 -7.76 -15.97 -18.47
C LEU A 317 -8.43 -15.06 -19.50
N LEU A 318 -7.95 -15.13 -20.76
CA LEU A 318 -8.52 -14.36 -21.87
C LEU A 318 -9.34 -15.25 -22.80
N ALA A 319 -8.75 -16.39 -23.16
CA ALA A 319 -9.37 -17.36 -24.04
C ALA A 319 -9.77 -18.64 -23.28
N ARG A 320 -11.05 -18.96 -23.34
CA ARG A 320 -11.58 -20.14 -22.68
C ARG A 320 -10.90 -21.42 -23.16
N GLY A 321 -10.30 -22.16 -22.24
CA GLY A 321 -9.65 -23.41 -22.59
C GLY A 321 -10.64 -24.53 -22.89
N GLU A 327 -4.82 -23.96 -26.92
CA GLU A 327 -3.73 -23.30 -26.19
C GLU A 327 -3.13 -22.17 -27.02
N VAL A 328 -3.49 -20.94 -26.70
CA VAL A 328 -3.18 -19.84 -27.60
C VAL A 328 -2.34 -18.76 -26.93
N ARG A 329 -1.73 -17.90 -27.74
CA ARG A 329 -0.94 -16.80 -27.25
C ARG A 329 -1.05 -15.59 -28.18
N VAL A 330 -0.41 -14.48 -27.78
CA VAL A 330 -0.46 -13.28 -28.60
C VAL A 330 0.50 -13.47 -29.77
N SER A 331 -0.04 -13.44 -30.98
CA SER A 331 0.77 -13.66 -32.16
C SER A 331 1.61 -12.42 -32.46
N ARG A 332 0.95 -11.26 -32.48
CA ARG A 332 1.64 -10.03 -32.84
C ARG A 332 1.09 -8.83 -32.09
N ILE A 333 2.00 -7.91 -31.78
CA ILE A 333 1.69 -6.69 -31.06
C ILE A 333 2.11 -5.52 -31.94
N PHE A 334 1.20 -4.58 -32.15
CA PHE A 334 1.51 -3.38 -32.96
C PHE A 334 1.15 -2.13 -32.17
N GLN A 335 1.98 -1.09 -32.33
CA GLN A 335 1.62 0.24 -31.86
C GLN A 335 1.82 1.26 -32.99
N LYS A 336 0.89 2.18 -33.10
CA LYS A 336 1.04 3.32 -34.01
C LYS A 336 0.72 4.57 -33.23
N ALA A 337 1.62 5.53 -33.30
CA ALA A 337 1.45 6.82 -32.66
C ALA A 337 1.58 7.95 -33.66
N GLY A 338 0.82 9.01 -33.43
CA GLY A 338 0.91 10.21 -34.23
C GLY A 338 1.03 11.42 -33.34
N ILE A 339 1.77 12.41 -33.82
CA ILE A 339 2.04 13.63 -33.07
C ILE A 339 2.19 14.85 -33.99
N THR A 340 1.75 15.99 -33.46
CA THR A 340 1.87 17.28 -34.13
C THR A 340 2.33 18.33 -33.11
N ILE A 341 3.37 19.10 -33.42
CA ILE A 341 3.60 20.35 -32.70
C ILE A 341 3.61 21.48 -33.72
N ASN A 342 3.01 22.61 -33.35
CA ASN A 342 3.06 23.83 -34.14
C ASN A 342 3.06 25.01 -33.19
N GLU A 343 2.72 26.20 -33.66
CA GLU A 343 2.95 27.39 -32.83
C GLU A 343 1.86 27.63 -31.79
N LEU A 344 0.72 26.98 -31.94
CA LEU A 344 -0.52 27.49 -31.40
C LEU A 344 -0.69 27.33 -29.89
N GLY A 345 -1.18 28.39 -29.27
CA GLY A 345 -1.68 28.37 -27.90
C GLY A 345 -3.09 28.92 -27.97
N GLU A 346 -3.66 29.33 -26.84
CA GLU A 346 -5.03 29.83 -26.84
C GLU A 346 -5.15 31.24 -27.49
N GLU A 347 -4.12 32.07 -27.30
CA GLU A 347 -4.07 33.39 -27.92
C GLU A 347 -2.71 33.59 -28.58
N ALA A 348 -2.53 34.74 -29.23
CA ALA A 348 -1.21 35.39 -29.36
C ALA A 348 -0.10 34.57 -29.98
N VAL A 365 20.84 34.63 -20.23
CA VAL A 365 19.86 34.16 -21.21
C VAL A 365 20.34 33.05 -22.12
N GLN A 366 19.61 31.94 -22.13
CA GLN A 366 20.08 30.75 -22.82
C GLN A 366 19.55 30.63 -24.23
N ILE A 367 20.33 29.95 -25.05
CA ILE A 367 19.98 29.70 -26.42
C ILE A 367 19.67 28.22 -26.61
N PHE A 368 18.45 27.91 -26.98
CA PHE A 368 18.09 26.53 -27.27
C PHE A 368 17.68 26.48 -28.72
N ASN A 369 18.64 26.11 -29.58
CA ASN A 369 18.38 26.11 -31.00
C ASN A 369 18.39 24.71 -31.59
N ALA A 370 17.22 24.14 -31.74
CA ALA A 370 17.09 22.72 -32.12
C ALA A 370 17.17 22.53 -33.61
N ASN A 371 18.34 22.81 -34.17
CA ASN A 371 18.55 22.67 -35.60
C ASN A 371 19.40 21.44 -35.95
N ARG A 372 19.41 20.48 -35.04
CA ARG A 372 19.95 19.15 -35.30
C ARG A 372 19.12 18.13 -34.51
N PRO A 373 19.37 16.83 -34.71
CA PRO A 373 18.47 15.82 -34.12
C PRO A 373 18.33 15.94 -32.63
N PHE A 374 17.14 15.62 -32.15
CA PHE A 374 16.89 15.69 -30.74
C PHE A 374 15.81 14.68 -30.32
N ILE A 375 15.74 14.49 -29.02
CA ILE A 375 14.79 13.57 -28.41
C ILE A 375 13.69 14.43 -27.80
N PHE A 376 12.44 13.95 -27.82
CA PHE A 376 11.39 14.64 -27.11
C PHE A 376 10.53 13.61 -26.34
N PHE A 377 9.82 14.07 -25.31
CA PHE A 377 8.80 13.24 -24.70
C PHE A 377 7.75 14.12 -24.02
N ILE A 378 6.56 13.56 -23.88
CA ILE A 378 5.46 14.24 -23.21
C ILE A 378 5.18 13.47 -21.92
N GLU A 379 5.15 14.18 -20.81
CA GLU A 379 4.84 13.54 -19.55
C GLU A 379 3.69 14.20 -18.81
N ASP A 380 2.95 13.37 -18.07
CA ASP A 380 1.93 13.84 -17.14
C ASP A 380 2.70 14.21 -15.90
N GLU A 381 2.72 15.50 -15.60
CA GLU A 381 3.55 16.00 -14.54
C GLU A 381 2.91 15.85 -13.15
N THR A 382 1.68 15.36 -13.11
CA THR A 382 1.04 15.07 -11.82
C THR A 382 1.36 13.65 -11.36
N LEU A 383 1.71 12.77 -12.29
CA LEU A 383 1.92 11.36 -11.96
C LEU A 383 3.24 10.78 -12.51
N GLY A 384 3.90 11.48 -13.44
CA GLY A 384 5.18 11.02 -13.95
C GLY A 384 5.12 10.16 -15.21
N THR A 385 3.93 10.02 -15.77
CA THR A 385 3.70 9.13 -16.89
C THR A 385 4.46 9.57 -18.11
N MET A 386 5.15 8.64 -18.76
CA MET A 386 5.81 8.91 -20.04
C MET A 386 4.87 8.53 -21.17
N LEU A 387 4.03 9.49 -21.55
CA LEU A 387 2.94 9.27 -22.46
C LEU A 387 3.44 9.16 -23.89
N PHE A 388 4.36 10.04 -24.26
CA PHE A 388 4.99 10.00 -25.60
C PHE A 388 6.51 10.10 -25.45
N ALA A 389 7.21 9.38 -26.31
CA ALA A 389 8.66 9.50 -26.43
C ALA A 389 8.99 9.38 -27.91
N GLY A 390 9.93 10.21 -28.36
CA GLY A 390 10.26 10.25 -29.78
C GLY A 390 11.57 10.94 -30.09
N LYS A 391 11.94 10.93 -31.37
CA LYS A 391 13.08 11.69 -31.83
C LYS A 391 12.81 12.28 -33.20
N ILE A 392 13.45 13.41 -33.42
CA ILE A 392 13.44 14.07 -34.71
C ILE A 392 14.81 13.94 -35.38
N GLU A 393 14.82 13.28 -36.54
CA GLU A 393 15.99 13.14 -37.39
C GLU A 393 15.87 14.00 -38.64
N ASN A 394 14.62 14.18 -39.08
CA ASN A 394 14.32 14.92 -40.31
C ASN A 394 12.99 15.64 -40.15
N PRO A 395 13.02 16.92 -39.77
CA PRO A 395 11.74 17.59 -39.57
C PRO A 395 10.82 17.49 -40.78
N VAL A 396 9.54 17.30 -40.49
CA VAL A 396 8.55 17.13 -41.51
C VAL A 396 7.21 17.63 -40.97
N PHE A 397 6.43 18.22 -41.85
CA PHE A 397 5.18 18.87 -41.50
C PHE A 397 4.31 19.04 -42.74
N GLY B 15 -22.64 -7.83 -9.48
CA GLY B 15 -22.03 -8.87 -10.29
C GLY B 15 -20.92 -9.59 -9.56
N PRO B 16 -20.40 -10.68 -10.14
CA PRO B 16 -19.40 -11.50 -9.45
C PRO B 16 -18.13 -10.72 -9.09
N PHE B 17 -17.38 -11.22 -8.12
CA PHE B 17 -16.08 -10.68 -7.75
C PHE B 17 -15.11 -10.77 -8.92
N GLN B 18 -14.44 -9.67 -9.23
CA GLN B 18 -13.47 -9.64 -10.34
C GLN B 18 -12.04 -9.65 -9.84
N GLY B 19 -11.88 -9.70 -8.51
CA GLY B 19 -10.56 -9.69 -7.91
C GLY B 19 -9.98 -11.09 -7.79
N GLN B 20 -8.88 -11.17 -7.07
CA GLN B 20 -8.24 -12.42 -6.71
C GLN B 20 -8.50 -12.71 -5.24
N ARG B 21 -9.12 -13.85 -4.98
CA ARG B 21 -9.43 -14.25 -3.60
C ARG B 21 -8.21 -14.67 -2.82
N GLN B 22 -8.13 -14.24 -1.57
CA GLN B 22 -7.11 -14.70 -0.65
C GLN B 22 -7.56 -15.97 0.06
N ASN B 23 -7.82 -17.01 -0.72
CA ASN B 23 -8.46 -18.21 -0.20
C ASN B 23 -7.61 -19.45 -0.19
N GLU B 24 -6.29 -19.28 -0.15
CA GLU B 24 -5.41 -20.44 -0.02
C GLU B 24 -5.71 -21.22 1.27
N PHE B 25 -5.69 -20.55 2.42
CA PHE B 25 -6.01 -21.24 3.67
C PHE B 25 -7.45 -21.76 3.65
N ASP B 26 -8.40 -20.91 3.24
CA ASP B 26 -9.83 -21.26 3.31
C ASP B 26 -10.10 -22.59 2.65
N LEU B 27 -9.60 -22.75 1.43
CA LEU B 27 -9.84 -23.95 0.63
C LEU B 27 -9.16 -25.18 1.25
N MET B 28 -7.91 -25.04 1.65
CA MET B 28 -7.22 -26.13 2.31
C MET B 28 -7.95 -26.56 3.58
N PHE B 29 -8.51 -25.60 4.30
CA PHE B 29 -9.23 -25.91 5.56
C PHE B 29 -10.55 -26.61 5.27
N VAL B 30 -11.30 -26.05 4.33
CA VAL B 30 -12.53 -26.64 3.86
C VAL B 30 -12.32 -28.08 3.40
N LYS B 31 -11.28 -28.33 2.63
CA LYS B 31 -11.02 -29.68 2.12
C LYS B 31 -10.74 -30.65 3.27
N GLU B 32 -9.96 -30.24 4.26
CA GLU B 32 -9.69 -31.10 5.43
C GLU B 32 -10.96 -31.45 6.21
N ILE B 33 -11.83 -30.48 6.45
CA ILE B 33 -13.05 -30.77 7.20
C ILE B 33 -14.00 -31.64 6.40
N PHE B 34 -14.21 -31.31 5.12
CA PHE B 34 -15.22 -32.00 4.34
C PHE B 34 -14.95 -33.50 4.19
N LYS B 35 -13.70 -33.87 4.00
CA LYS B 35 -13.39 -35.27 3.79
C LYS B 35 -13.56 -36.10 5.09
N ASN B 36 -13.64 -35.44 6.22
CA ASN B 36 -13.73 -36.14 7.52
C ASN B 36 -15.18 -36.34 8.01
N HIS B 37 -16.13 -35.84 7.24
CA HIS B 37 -17.52 -35.91 7.58
C HIS B 37 -18.40 -36.37 6.43
N ASN B 38 -19.33 -37.28 6.70
CA ASN B 38 -20.23 -37.79 5.69
C ASN B 38 -21.64 -37.30 5.91
N SER B 39 -21.73 -36.12 6.50
CA SER B 39 -22.99 -35.49 6.85
C SER B 39 -22.95 -34.14 6.14
N ASN B 40 -24.03 -33.38 6.20
CA ASN B 40 -23.99 -31.99 5.79
C ASN B 40 -22.94 -31.28 6.61
N VAL B 41 -22.27 -30.32 6.00
CA VAL B 41 -21.28 -29.54 6.70
C VAL B 41 -21.49 -28.10 6.32
N VAL B 42 -21.35 -27.21 7.29
CA VAL B 42 -21.27 -25.79 7.00
C VAL B 42 -20.28 -25.16 7.97
N LEU B 43 -19.47 -24.24 7.46
CA LEU B 43 -18.50 -23.57 8.30
C LEU B 43 -18.21 -22.18 7.75
N SER B 44 -17.48 -21.35 8.49
CA SER B 44 -17.03 -20.05 7.98
C SER B 44 -15.50 -19.96 7.94
N PRO B 45 -14.93 -20.15 6.73
CA PRO B 45 -13.47 -20.08 6.59
C PRO B 45 -12.96 -18.72 7.00
N PHE B 46 -13.70 -17.68 6.65
CA PHE B 46 -13.26 -16.34 6.96
C PHE B 46 -13.17 -16.18 8.49
N SER B 47 -14.19 -16.64 9.20
CA SER B 47 -14.23 -16.50 10.66
C SER B 47 -13.13 -17.32 11.32
N VAL B 48 -12.77 -18.44 10.74
CA VAL B 48 -11.64 -19.17 11.25
C VAL B 48 -10.36 -18.35 11.11
N LYS B 49 -10.25 -17.58 10.04
CA LYS B 49 -9.07 -16.74 9.86
C LYS B 49 -9.04 -15.62 10.90
N ILE B 50 -10.20 -15.11 11.27
CA ILE B 50 -10.30 -14.17 12.39
C ILE B 50 -9.76 -14.82 13.67
N LEU B 51 -10.13 -16.07 13.91
CA LEU B 51 -9.68 -16.78 15.11
C LEU B 51 -8.15 -16.89 15.11
N LEU B 52 -7.61 -17.30 13.97
CA LEU B 52 -6.18 -17.50 13.85
C LEU B 52 -5.44 -16.18 14.03
N THR B 53 -6.02 -15.10 13.54
CA THR B 53 -5.40 -13.79 13.63
C THR B 53 -5.44 -13.24 15.06
N LEU B 54 -6.50 -13.57 15.79
CA LEU B 54 -6.59 -13.22 17.21
C LEU B 54 -5.46 -13.89 17.99
N ILE B 55 -5.20 -15.15 17.67
CA ILE B 55 -4.14 -15.87 18.29
C ILE B 55 -2.78 -15.27 17.93
N TYR B 56 -2.63 -14.87 16.67
CA TYR B 56 -1.39 -14.23 16.25
C TYR B 56 -1.15 -12.95 17.05
N GLU B 57 -2.18 -12.11 17.17
CA GLU B 57 -2.11 -10.87 17.91
C GLU B 57 -1.71 -11.08 19.36
N ALA B 58 -2.04 -12.24 19.92
CA ALA B 58 -1.79 -12.54 21.33
C ALA B 58 -0.39 -13.10 21.53
N SER B 59 0.21 -13.57 20.44
CA SER B 59 1.45 -14.32 20.49
C SER B 59 2.68 -13.44 20.46
N ASP B 60 3.80 -14.00 20.90
CA ASP B 60 5.09 -13.31 20.81
C ASP B 60 5.59 -13.34 19.37
N SER B 68 9.39 -16.56 13.07
CA SER B 68 8.73 -17.56 13.90
C SER B 68 8.11 -18.67 13.07
N ASN B 69 8.03 -19.87 13.65
CA ASN B 69 7.30 -20.96 13.01
C ASN B 69 5.83 -20.57 12.87
N THR B 70 5.38 -19.70 13.76
CA THR B 70 3.98 -19.27 13.77
C THR B 70 3.73 -18.27 12.65
N LYS B 71 4.65 -17.32 12.50
CA LYS B 71 4.51 -16.30 11.46
C LYS B 71 4.46 -17.03 10.11
N ARG B 72 5.28 -18.07 9.95
CA ARG B 72 5.31 -18.85 8.72
C ARG B 72 4.04 -19.68 8.53
N GLU B 73 3.67 -20.45 9.55
CA GLU B 73 2.47 -21.29 9.49
C GLU B 73 1.21 -20.46 9.20
N LEU B 74 1.25 -19.18 9.56
CA LEU B 74 0.11 -18.27 9.35
C LEU B 74 0.30 -17.25 8.22
N SER B 75 1.24 -17.52 7.32
CA SER B 75 1.50 -16.61 6.19
C SER B 75 0.28 -16.38 5.30
N SER B 76 -0.58 -17.38 5.20
CA SER B 76 -1.76 -17.29 4.35
C SER B 76 -2.91 -16.51 5.00
N VAL B 77 -2.75 -16.17 6.27
CA VAL B 77 -3.81 -15.53 7.04
C VAL B 77 -3.43 -14.08 7.39
N ILE B 78 -2.18 -13.89 7.80
CA ILE B 78 -1.67 -12.56 8.10
C ILE B 78 -1.29 -11.80 6.82
N GLN B 79 -1.48 -10.48 6.83
CA GLN B 79 -1.35 -9.64 5.65
C GLN B 79 -0.03 -8.86 5.64
N ASN B 80 0.92 -9.31 4.83
CA ASN B 80 2.18 -8.58 4.69
C ASN B 80 3.02 -8.49 5.96
N ASP B 81 2.88 -9.47 6.85
CA ASP B 81 3.62 -9.42 8.12
C ASP B 81 3.54 -8.01 8.75
N ASN B 82 2.36 -7.43 8.69
CA ASN B 82 2.13 -6.09 9.20
C ASN B 82 0.78 -6.06 9.89
N ILE B 83 0.74 -5.53 11.11
CA ILE B 83 -0.45 -5.61 11.92
C ILE B 83 -1.51 -4.60 11.50
N ASP B 84 -1.06 -3.41 11.15
CA ASP B 84 -1.99 -2.37 10.71
C ASP B 84 -2.82 -2.78 9.49
N HIS B 85 -2.17 -3.39 8.48
CA HIS B 85 -2.85 -3.92 7.30
C HIS B 85 -3.77 -5.10 7.65
N THR B 86 -3.29 -5.96 8.50
CA THR B 86 -4.06 -7.12 8.93
C THR B 86 -5.36 -6.67 9.62
N ARG B 87 -5.22 -5.79 10.59
CA ARG B 87 -6.35 -5.29 11.36
C ARG B 87 -7.35 -4.58 10.49
N SER B 88 -6.81 -3.76 9.59
CA SER B 88 -7.65 -2.98 8.72
C SER B 88 -8.37 -3.93 7.78
N TYR B 89 -7.65 -4.96 7.34
CA TYR B 89 -8.23 -5.94 6.42
C TYR B 89 -9.42 -6.71 7.01
N TYR B 90 -9.20 -7.35 8.16
CA TYR B 90 -10.29 -8.09 8.83
C TYR B 90 -11.42 -7.16 9.28
N LYS B 91 -11.06 -5.98 9.76
CA LYS B 91 -12.09 -5.06 10.23
C LYS B 91 -12.95 -4.65 9.06
N GLN B 92 -12.33 -4.38 7.92
CA GLN B 92 -13.07 -4.00 6.71
C GLN B 92 -14.02 -5.12 6.25
N LEU B 93 -13.52 -6.34 6.17
CA LEU B 93 -14.34 -7.44 5.67
C LEU B 93 -15.48 -7.77 6.65
N LEU B 94 -15.22 -7.65 7.94
CA LEU B 94 -16.27 -7.84 8.93
C LEU B 94 -17.35 -6.78 8.84
N GLU B 95 -16.92 -5.53 8.68
CA GLU B 95 -17.86 -4.41 8.60
C GLU B 95 -18.71 -4.52 7.34
N SER B 96 -18.13 -5.01 6.26
CA SER B 96 -18.88 -5.17 5.04
C SER B 96 -19.92 -6.29 5.17
N ALA B 97 -19.50 -7.44 5.67
CA ALA B 97 -20.45 -8.54 5.94
C ALA B 97 -21.64 -8.15 6.79
N GLN B 98 -21.41 -7.40 7.87
CA GLN B 98 -22.45 -7.15 8.85
C GLN B 98 -23.04 -5.72 8.80
N GLN B 99 -23.19 -5.17 7.60
CA GLN B 99 -23.78 -3.82 7.48
C GLN B 99 -25.16 -3.77 8.13
N ASP B 100 -25.35 -2.84 9.07
CA ASP B 100 -26.62 -2.69 9.77
C ASP B 100 -27.75 -2.56 8.76
N ASN B 101 -28.23 -3.71 8.30
CA ASN B 101 -29.19 -3.77 7.21
C ASN B 101 -30.29 -4.80 7.47
N LYS B 102 -31.33 -4.74 6.65
CA LYS B 102 -32.40 -5.72 6.69
C LYS B 102 -32.36 -6.60 5.44
N ASP B 103 -31.37 -6.37 4.56
CA ASP B 103 -31.23 -7.19 3.37
C ASP B 103 -31.06 -8.68 3.68
N TYR B 104 -30.32 -9.01 4.76
CA TYR B 104 -30.16 -10.40 5.19
C TYR B 104 -29.92 -10.53 6.69
N ASP B 105 -30.02 -11.76 7.19
CA ASP B 105 -29.91 -12.05 8.62
C ASP B 105 -28.63 -12.83 8.86
N LEU B 106 -27.59 -12.11 9.28
CA LEU B 106 -26.29 -12.69 9.58
C LEU B 106 -25.96 -12.44 11.06
N ASN B 107 -25.63 -13.49 11.80
CA ASN B 107 -25.02 -13.33 13.14
C ASN B 107 -23.58 -13.87 13.15
N ILE B 108 -22.65 -13.09 13.65
CA ILE B 108 -21.28 -13.55 13.88
C ILE B 108 -20.80 -13.12 15.25
N ALA B 109 -20.29 -14.07 16.02
CA ALA B 109 -19.82 -13.79 17.35
C ALA B 109 -18.56 -14.59 17.64
N THR B 110 -17.63 -13.95 18.31
CA THR B 110 -16.37 -14.55 18.68
C THR B 110 -15.97 -14.18 20.09
N ASN B 111 -15.69 -15.21 20.89
CA ASN B 111 -15.25 -15.06 22.26
C ASN B 111 -14.14 -16.00 22.73
N PHE B 112 -13.19 -15.44 23.45
CA PHE B 112 -12.29 -16.21 24.28
C PHE B 112 -12.99 -16.40 25.65
N PHE B 113 -12.99 -17.64 26.16
CA PHE B 113 -13.46 -17.90 27.50
C PHE B 113 -12.24 -18.31 28.33
N VAL B 114 -11.84 -17.40 29.20
CA VAL B 114 -10.55 -17.48 29.86
C VAL B 114 -10.73 -17.82 31.33
N ASP B 115 -9.93 -18.74 31.83
CA ASP B 115 -9.96 -19.13 33.25
C ASP B 115 -9.60 -17.98 34.21
N ASP B 116 -10.30 -17.93 35.34
CA ASP B 116 -10.10 -16.90 36.34
C ASP B 116 -8.65 -16.59 36.71
N PHE B 117 -7.81 -17.59 36.82
CA PHE B 117 -6.45 -17.36 37.25
C PHE B 117 -5.65 -16.54 36.24
N ILE B 118 -6.18 -16.37 35.02
CA ILE B 118 -5.44 -15.64 34.00
C ILE B 118 -5.86 -14.20 34.00
N GLU B 119 -4.86 -13.32 34.02
CA GLU B 119 -5.09 -11.89 33.94
C GLU B 119 -5.16 -11.46 32.48
N VAL B 120 -6.34 -11.00 32.04
CA VAL B 120 -6.53 -10.61 30.65
C VAL B 120 -6.16 -9.15 30.47
N ILE B 121 -5.23 -8.90 29.54
CA ILE B 121 -4.74 -7.54 29.27
C ILE B 121 -5.81 -6.71 28.59
N ASN B 122 -6.17 -5.57 29.18
CA ASN B 122 -7.29 -4.80 28.66
C ASN B 122 -7.06 -4.24 27.24
N LYS B 123 -5.83 -3.88 26.91
CA LYS B 123 -5.58 -3.38 25.56
C LYS B 123 -5.82 -4.48 24.53
N TYR B 124 -5.63 -5.73 24.93
CA TYR B 124 -5.98 -6.84 24.04
C TYR B 124 -7.48 -6.91 23.87
N GLN B 125 -8.21 -6.80 24.97
CA GLN B 125 -9.66 -6.75 24.86
C GLN B 125 -10.08 -5.65 23.88
N GLN B 126 -9.41 -4.49 23.94
CA GLN B 126 -9.82 -3.36 23.10
C GLN B 126 -9.60 -3.63 21.62
N ILE B 127 -8.49 -4.25 21.25
CA ILE B 127 -8.22 -4.44 19.84
C ILE B 127 -9.10 -5.58 19.30
N ALA B 128 -9.36 -6.56 20.16
CA ALA B 128 -10.24 -7.67 19.82
C ALA B 128 -11.62 -7.15 19.52
N ASN B 129 -12.13 -6.28 20.38
CA ASN B 129 -13.45 -5.69 20.20
C ASN B 129 -13.48 -4.80 18.93
N THR B 130 -12.47 -3.94 18.76
CA THR B 130 -12.50 -2.95 17.67
C THR B 130 -12.28 -3.50 16.27
N HIS B 131 -11.24 -4.32 16.10
CA HIS B 131 -10.84 -4.77 14.78
C HIS B 131 -11.38 -6.13 14.37
N TYR B 132 -11.70 -6.97 15.36
CA TYR B 132 -12.10 -8.35 15.06
C TYR B 132 -13.47 -8.72 15.63
N HIS B 133 -14.15 -7.74 16.22
CA HIS B 133 -15.48 -7.94 16.75
C HIS B 133 -15.51 -9.17 17.64
N ALA B 134 -14.52 -9.24 18.51
CA ALA B 134 -14.35 -10.36 19.39
C ALA B 134 -14.28 -9.85 20.83
N MET B 135 -14.60 -10.71 21.77
CA MET B 135 -14.59 -10.35 23.18
C MET B 135 -13.96 -11.47 23.97
N LEU B 136 -13.62 -11.18 25.22
CA LEU B 136 -13.09 -12.17 26.17
C LEU B 136 -13.89 -12.06 27.45
N GLU B 137 -14.15 -13.21 28.06
CA GLU B 137 -14.96 -13.32 29.26
C GLU B 137 -14.24 -14.29 30.19
N LYS B 138 -14.36 -14.08 31.50
CA LYS B 138 -13.70 -14.93 32.48
C LYS B 138 -14.64 -16.03 32.91
N VAL B 139 -14.11 -17.23 33.04
CA VAL B 139 -14.89 -18.36 33.50
C VAL B 139 -14.04 -19.16 34.44
N SER B 140 -14.66 -20.11 35.11
CA SER B 140 -13.94 -21.05 35.94
C SER B 140 -13.96 -22.48 35.43
N TYR B 141 -12.84 -22.92 34.86
CA TYR B 141 -12.77 -24.25 34.26
C TYR B 141 -12.81 -25.39 35.29
N SER B 142 -12.60 -25.06 36.56
CA SER B 142 -12.73 -26.07 37.60
C SER B 142 -14.21 -26.46 37.75
N ASN B 143 -15.11 -25.72 37.09
CA ASN B 143 -16.52 -26.07 37.01
CA ASN B 143 -16.52 -26.11 37.00
C ASN B 143 -16.96 -26.19 35.55
N PRO B 144 -16.63 -27.31 34.89
CA PRO B 144 -16.92 -27.46 33.46
C PRO B 144 -18.41 -27.41 33.14
N THR B 145 -19.27 -27.83 34.05
CA THR B 145 -20.69 -27.83 33.77
C THR B 145 -21.24 -26.41 33.72
N GLN B 146 -20.80 -25.59 34.66
CA GLN B 146 -21.24 -24.19 34.71
C GLN B 146 -20.68 -23.44 33.50
N THR B 147 -19.43 -23.69 33.19
CA THR B 147 -18.78 -23.06 32.05
C THR B 147 -19.47 -23.40 30.73
N ALA B 148 -19.79 -24.68 30.53
CA ALA B 148 -20.50 -25.08 29.33
C ALA B 148 -21.80 -24.33 29.24
N ALA B 149 -22.48 -24.17 30.37
CA ALA B 149 -23.72 -23.44 30.38
C ALA B 149 -23.50 -21.99 29.93
N THR B 150 -22.44 -21.35 30.40
CA THR B 150 -22.15 -19.99 30.05
C THR B 150 -21.86 -19.88 28.55
N ILE B 151 -21.04 -20.80 28.04
CA ILE B 151 -20.68 -20.77 26.64
C ILE B 151 -21.88 -21.06 25.74
N ASN B 152 -22.64 -22.08 26.09
CA ASN B 152 -23.85 -22.39 25.35
C ASN B 152 -24.91 -21.28 25.41
N ASN B 153 -25.13 -20.67 26.57
CA ASN B 153 -26.09 -19.58 26.65
C ASN B 153 -25.64 -18.38 25.78
N TRP B 154 -24.34 -18.14 25.77
CA TRP B 154 -23.72 -17.11 24.98
C TRP B 154 -24.01 -17.35 23.48
N VAL B 155 -23.86 -18.60 23.05
CA VAL B 155 -24.18 -18.95 21.67
C VAL B 155 -25.63 -18.60 21.37
N SER B 156 -26.54 -19.00 22.24
CA SER B 156 -27.96 -18.79 22.03
C SER B 156 -28.24 -17.29 21.98
N GLU B 157 -27.62 -16.55 22.88
CA GLU B 157 -27.85 -15.13 22.97
C GLU B 157 -27.47 -14.43 21.64
N HIS B 158 -26.32 -14.78 21.10
CA HIS B 158 -25.81 -14.11 19.92
C HIS B 158 -26.31 -14.66 18.57
N THR B 159 -27.21 -15.64 18.56
CA THR B 159 -27.80 -16.17 17.33
C THR B 159 -29.32 -16.18 17.41
N ASN B 160 -29.85 -15.37 18.32
CA ASN B 160 -31.28 -15.38 18.67
C ASN B 160 -31.92 -16.77 18.87
N GLY B 161 -31.20 -17.71 19.49
CA GLY B 161 -31.76 -19.01 19.80
C GLY B 161 -31.70 -20.03 18.70
N ARG B 162 -31.05 -19.68 17.60
CA ARG B 162 -30.98 -20.58 16.46
C ARG B 162 -29.88 -21.62 16.61
N LEU B 163 -28.77 -21.21 17.21
CA LEU B 163 -27.78 -22.16 17.72
C LEU B 163 -27.90 -22.08 19.23
N ARG B 164 -28.11 -23.22 19.86
CA ARG B 164 -28.44 -23.27 21.31
C ARG B 164 -27.28 -23.78 22.17
N GLU B 165 -26.34 -24.48 21.54
CA GLU B 165 -25.21 -25.07 22.23
C GLU B 165 -24.07 -25.43 21.27
N ILE B 166 -22.86 -25.50 21.81
CA ILE B 166 -21.70 -25.90 21.05
C ILE B 166 -20.76 -26.85 21.81
N VAL B 167 -20.74 -26.78 23.14
CA VAL B 167 -19.83 -27.60 23.92
C VAL B 167 -20.50 -28.38 25.03
N THR B 168 -19.91 -29.53 25.32
CA THR B 168 -20.28 -30.31 26.50
C THR B 168 -19.31 -29.97 27.60
N PRO B 169 -19.70 -30.25 28.86
CA PRO B 169 -18.74 -30.08 29.96
C PRO B 169 -17.44 -30.86 29.71
N ASP B 170 -17.55 -32.06 29.17
CA ASP B 170 -16.37 -32.92 28.92
C ASP B 170 -15.36 -32.27 28.00
N SER B 171 -15.82 -31.53 27.00
CA SER B 171 -14.92 -30.95 26.02
C SER B 171 -14.14 -29.79 26.64
N LEU B 172 -14.56 -29.37 27.84
CA LEU B 172 -13.91 -28.27 28.53
C LEU B 172 -12.96 -28.73 29.64
N GLU B 173 -12.98 -30.01 29.98
CA GLU B 173 -12.19 -30.49 31.10
C GLU B 173 -10.72 -30.30 30.87
N GLY B 174 -10.07 -29.60 31.80
CA GLY B 174 -8.64 -29.37 31.72
C GLY B 174 -8.23 -28.11 30.97
N ALA B 175 -9.18 -27.44 30.31
CA ALA B 175 -8.90 -26.26 29.51
C ALA B 175 -8.60 -25.04 30.40
N VAL B 176 -7.77 -24.11 29.93
CA VAL B 176 -7.66 -22.77 30.53
C VAL B 176 -8.13 -21.65 29.61
N ILE B 177 -8.07 -21.87 28.30
CA ILE B 177 -8.56 -20.88 27.33
C ILE B 177 -9.23 -21.59 26.20
N THR B 178 -10.49 -21.25 25.98
CA THR B 178 -11.24 -21.76 24.84
C THR B 178 -11.61 -20.59 23.95
N LEU B 179 -11.49 -20.79 22.65
CA LEU B 179 -11.82 -19.74 21.67
C LEU B 179 -12.96 -20.23 20.81
N VAL B 180 -14.05 -19.47 20.77
CA VAL B 180 -15.29 -19.90 20.18
C VAL B 180 -15.82 -18.90 19.16
N ASN B 181 -16.16 -19.38 17.97
CA ASN B 181 -16.87 -18.61 16.94
C ASN B 181 -18.19 -19.28 16.57
N VAL B 182 -19.26 -18.49 16.51
CA VAL B 182 -20.51 -18.96 15.96
C VAL B 182 -21.01 -17.98 14.89
N ILE B 183 -21.72 -18.51 13.90
CA ILE B 183 -22.17 -17.72 12.76
C ILE B 183 -23.43 -18.37 12.25
N TYR B 184 -24.41 -17.54 11.90
CA TYR B 184 -25.66 -18.04 11.36
C TYR B 184 -26.08 -17.13 10.21
N PHE B 185 -26.68 -17.72 9.16
CA PHE B 185 -27.11 -16.94 7.98
C PHE B 185 -28.41 -17.42 7.37
N LYS B 186 -29.31 -16.46 7.12
CA LYS B 186 -30.44 -16.67 6.22
C LYS B 186 -30.58 -15.39 5.39
N GLY B 187 -30.50 -15.53 4.08
CA GLY B 187 -30.61 -14.41 3.18
C GLY B 187 -31.84 -14.51 2.32
N LEU B 188 -32.17 -13.41 1.65
CA LEU B 188 -33.27 -13.39 0.70
C LEU B 188 -32.72 -13.39 -0.70
N TRP B 189 -33.12 -14.35 -1.51
CA TRP B 189 -32.69 -14.37 -2.88
C TRP B 189 -33.08 -13.06 -3.56
N THR B 190 -32.32 -12.67 -4.57
CA THR B 190 -32.75 -11.63 -5.47
C THR B 190 -33.99 -12.14 -6.19
N TYR B 191 -33.84 -13.29 -6.83
CA TYR B 191 -34.91 -13.90 -7.61
C TYR B 191 -35.53 -15.11 -6.91
N PRO B 192 -36.76 -14.93 -6.39
CA PRO B 192 -37.41 -15.99 -5.61
C PRO B 192 -37.68 -17.24 -6.42
N PHE B 193 -38.03 -18.33 -5.73
CA PHE B 193 -38.54 -19.53 -6.36
C PHE B 193 -40.06 -19.57 -6.13
N PRO B 194 -40.81 -20.19 -7.06
CA PRO B 194 -42.20 -20.57 -6.72
C PRO B 194 -42.26 -21.48 -5.50
N GLU B 195 -43.15 -21.15 -4.55
CA GLU B 195 -43.35 -21.98 -3.37
C GLU B 195 -43.60 -23.44 -3.75
N ASN B 199 -43.07 -29.54 -3.93
CA ASN B 199 -42.18 -30.35 -4.75
C ASN B 199 -41.29 -31.31 -3.92
N VAL B 200 -41.84 -32.48 -3.55
CA VAL B 200 -41.05 -33.47 -2.79
C VAL B 200 -40.65 -34.67 -3.62
N LYS B 201 -39.35 -34.93 -3.70
CA LYS B 201 -38.82 -35.91 -4.63
C LYS B 201 -37.53 -36.51 -4.10
N PRO B 202 -36.98 -37.52 -4.79
CA PRO B 202 -35.80 -38.18 -4.23
C PRO B 202 -34.58 -37.27 -4.28
N PHE B 203 -33.65 -37.46 -3.34
CA PHE B 203 -32.33 -36.89 -3.41
C PHE B 203 -31.42 -38.09 -3.37
N TYR B 204 -30.47 -38.17 -4.30
CA TYR B 204 -29.64 -39.36 -4.44
C TYR B 204 -28.37 -39.17 -3.66
N GLY B 205 -28.48 -39.46 -2.36
CA GLY B 205 -27.34 -39.49 -1.49
C GLY B 205 -26.40 -40.55 -1.99
N THR B 206 -25.12 -40.46 -1.63
CA THR B 206 -24.14 -41.43 -2.10
C THR B 206 -24.38 -42.80 -1.49
N ARG B 207 -24.82 -42.82 -0.23
CA ARG B 207 -24.96 -44.08 0.48
C ARG B 207 -26.43 -44.30 0.79
N GLY B 208 -26.84 -45.57 0.80
CA GLY B 208 -28.22 -45.92 1.07
C GLY B 208 -29.16 -45.46 -0.02
N LYS B 209 -30.45 -45.68 0.18
CA LYS B 209 -31.45 -45.34 -0.83
C LYS B 209 -31.64 -43.83 -0.88
N PRO B 210 -32.32 -43.37 -1.94
CA PRO B 210 -32.63 -41.95 -2.10
C PRO B 210 -33.43 -41.41 -0.93
N THR B 211 -32.96 -40.36 -0.29
CA THR B 211 -33.76 -39.76 0.77
C THR B 211 -34.77 -38.87 0.08
N ASN B 212 -35.65 -38.26 0.86
CA ASN B 212 -36.64 -37.36 0.31
C ASN B 212 -36.21 -35.94 0.52
N ALA B 213 -36.49 -35.08 -0.45
CA ALA B 213 -36.20 -33.68 -0.28
C ALA B 213 -37.33 -32.83 -0.81
N GLN B 214 -37.31 -31.56 -0.42
CA GLN B 214 -38.31 -30.60 -0.81
C GLN B 214 -37.58 -29.68 -1.79
N TYR B 215 -37.94 -29.77 -3.07
CA TYR B 215 -37.22 -29.01 -4.10
C TYR B 215 -37.92 -27.71 -4.47
N MET B 216 -37.13 -26.75 -4.93
CA MET B 216 -37.69 -25.51 -5.47
C MET B 216 -37.06 -25.25 -6.82
N GLU B 217 -37.84 -24.62 -7.71
CA GLU B 217 -37.48 -24.54 -9.12
C GLU B 217 -37.74 -23.15 -9.69
N GLN B 218 -36.86 -22.72 -10.57
CA GLN B 218 -37.12 -21.52 -11.33
C GLN B 218 -36.27 -21.49 -12.57
N ASN B 219 -36.70 -20.64 -13.50
CA ASN B 219 -35.91 -20.33 -14.68
C ASN B 219 -35.49 -18.89 -14.57
N GLY B 220 -34.26 -18.60 -14.97
CA GLY B 220 -33.81 -17.22 -15.01
C GLY B 220 -32.44 -17.10 -15.62
N GLN B 221 -31.92 -15.88 -15.60
CA GLN B 221 -30.56 -15.61 -16.08
C GLN B 221 -29.59 -15.60 -14.91
N PHE B 222 -28.68 -16.57 -14.89
CA PHE B 222 -27.69 -16.67 -13.84
C PHE B 222 -26.32 -17.00 -14.39
N TYR B 223 -25.28 -16.49 -13.74
CA TYR B 223 -23.93 -16.97 -14.01
C TYR B 223 -23.78 -18.44 -13.76
N TYR B 224 -23.13 -19.09 -14.72
CA TYR B 224 -23.10 -20.52 -14.79
C TYR B 224 -21.97 -20.99 -15.65
N ASP B 225 -21.45 -22.16 -15.36
CA ASP B 225 -20.59 -22.83 -16.30
C ASP B 225 -20.61 -24.31 -16.02
N ASN B 226 -20.18 -25.09 -17.00
CA ASN B 226 -19.85 -26.49 -16.76
C ASN B 226 -18.34 -26.68 -16.86
N SER B 227 -17.69 -26.81 -15.72
CA SER B 227 -16.24 -26.90 -15.72
C SER B 227 -15.74 -28.32 -15.91
N ALA B 228 -15.03 -28.53 -17.01
CA ALA B 228 -14.46 -29.83 -17.29
C ALA B 228 -13.22 -30.02 -16.42
N ASP B 229 -12.56 -28.92 -16.07
CA ASP B 229 -11.37 -29.00 -15.26
C ASP B 229 -11.70 -29.51 -13.84
N LEU B 230 -12.80 -29.03 -13.26
CA LEU B 230 -13.21 -29.45 -11.91
C LEU B 230 -14.06 -30.71 -11.95
N GLY B 231 -14.67 -30.95 -13.11
CA GLY B 231 -15.61 -32.05 -13.29
C GLY B 231 -16.93 -31.77 -12.61
N ALA B 232 -17.45 -30.55 -12.78
CA ALA B 232 -18.58 -30.10 -12.00
C ALA B 232 -19.22 -28.90 -12.63
N GLN B 233 -20.53 -28.77 -12.48
CA GLN B 233 -21.22 -27.52 -12.81
C GLN B 233 -21.16 -26.52 -11.66
N ILE B 234 -21.21 -25.23 -12.02
CA ILE B 234 -21.18 -24.14 -11.07
C ILE B 234 -22.26 -23.12 -11.38
N LEU B 235 -23.01 -22.73 -10.33
CA LEU B 235 -24.11 -21.78 -10.43
C LEU B 235 -24.00 -20.68 -9.39
N ARG B 236 -24.39 -19.47 -9.77
CA ARG B 236 -24.39 -18.38 -8.80
C ARG B 236 -25.77 -17.84 -8.60
N LEU B 237 -26.27 -17.88 -7.36
CA LEU B 237 -27.53 -17.22 -7.04
C LEU B 237 -27.31 -16.06 -6.10
N PRO B 238 -27.70 -14.85 -6.53
CA PRO B 238 -27.41 -13.69 -5.68
C PRO B 238 -28.47 -13.40 -4.63
N TYR B 239 -28.00 -12.78 -3.55
CA TYR B 239 -28.86 -12.34 -2.48
C TYR B 239 -29.14 -10.84 -2.61
N ARG B 240 -30.33 -10.45 -2.21
CA ARG B 240 -30.67 -9.05 -2.03
C ARG B 240 -29.64 -8.30 -1.19
N GLY B 241 -29.36 -7.07 -1.59
CA GLY B 241 -28.43 -6.22 -0.86
C GLY B 241 -27.21 -5.85 -1.67
N ASN B 242 -27.07 -6.46 -2.85
CA ASN B 242 -25.99 -6.15 -3.79
C ASN B 242 -24.58 -6.51 -3.30
N LYS B 243 -24.47 -7.54 -2.45
CA LYS B 243 -23.22 -7.80 -1.75
C LYS B 243 -22.84 -9.29 -1.65
N LEU B 244 -23.81 -10.12 -1.23
CA LEU B 244 -23.61 -11.54 -1.10
C LEU B 244 -24.27 -12.36 -2.21
N ALA B 245 -23.67 -13.52 -2.49
CA ALA B 245 -24.25 -14.53 -3.36
C ALA B 245 -23.86 -15.94 -2.92
N MET B 246 -24.70 -16.91 -3.25
CA MET B 246 -24.35 -18.31 -3.07
C MET B 246 -23.93 -18.97 -4.37
N TYR B 247 -22.74 -19.54 -4.34
CA TYR B 247 -22.26 -20.45 -5.34
C TYR B 247 -22.53 -21.90 -4.99
N PHE B 248 -22.91 -22.65 -6.01
CA PHE B 248 -23.22 -24.06 -5.92
C PHE B 248 -22.34 -24.76 -6.92
N ILE B 249 -21.62 -25.76 -6.45
CA ILE B 249 -20.77 -26.59 -7.29
C ILE B 249 -21.32 -28.00 -7.25
N LEU B 250 -21.97 -28.37 -8.33
CA LEU B 250 -22.61 -29.69 -8.46
C LEU B 250 -21.75 -30.64 -9.27
N PRO B 251 -21.12 -31.62 -8.63
CA PRO B 251 -20.25 -32.52 -9.38
C PRO B 251 -21.00 -33.23 -10.52
N ASN B 252 -20.34 -33.45 -11.66
CA ASN B 252 -20.98 -34.15 -12.77
C ASN B 252 -21.39 -35.54 -12.32
N PRO B 253 -22.42 -36.10 -12.96
CA PRO B 253 -23.01 -37.38 -12.54
C PRO B 253 -22.02 -38.53 -12.31
N ASP B 254 -20.75 -38.38 -12.66
CA ASP B 254 -19.81 -39.47 -12.46
C ASP B 254 -18.74 -39.14 -11.43
N ASN B 255 -18.78 -37.94 -10.88
CA ASN B 255 -17.74 -37.51 -9.97
C ASN B 255 -18.26 -37.33 -8.54
N THR B 256 -17.38 -37.48 -7.57
CA THR B 256 -17.78 -37.28 -6.18
C THR B 256 -17.28 -35.94 -5.68
N VAL B 257 -17.95 -35.44 -4.65
CA VAL B 257 -17.57 -34.21 -3.97
C VAL B 257 -16.10 -34.27 -3.63
N ASN B 258 -15.63 -35.39 -3.09
CA ASN B 258 -14.22 -35.54 -2.75
C ASN B 258 -13.30 -35.35 -3.97
N GLN B 259 -13.72 -35.87 -5.12
CA GLN B 259 -12.93 -35.77 -6.35
C GLN B 259 -12.83 -34.31 -6.79
N VAL B 260 -14.00 -33.69 -6.94
CA VAL B 260 -14.10 -32.27 -7.24
C VAL B 260 -13.33 -31.41 -6.26
N LEU B 261 -13.41 -31.71 -4.96
CA LEU B 261 -12.66 -30.96 -3.96
C LEU B 261 -11.15 -31.06 -4.17
N ASP B 262 -10.69 -32.24 -4.58
CA ASP B 262 -9.25 -32.48 -4.72
C ASP B 262 -8.71 -31.69 -5.90
N ARG B 263 -9.60 -31.31 -6.80
CA ARG B 263 -9.21 -30.53 -7.97
C ARG B 263 -9.25 -29.04 -7.69
N ILE B 264 -9.82 -28.67 -6.54
CA ILE B 264 -10.00 -27.28 -6.18
C ILE B 264 -8.82 -26.74 -5.38
N ASN B 265 -8.28 -25.62 -5.84
CA ASN B 265 -7.23 -24.90 -5.14
C ASN B 265 -7.40 -23.44 -5.55
N SER B 266 -6.59 -22.53 -5.05
CA SER B 266 -6.86 -21.11 -5.33
C SER B 266 -6.89 -20.77 -6.82
N ALA B 267 -5.86 -21.16 -7.55
CA ALA B 267 -5.78 -20.93 -9.01
C ALA B 267 -6.90 -21.65 -9.79
N SER B 268 -7.18 -22.90 -9.47
CA SER B 268 -8.20 -23.62 -10.26
C SER B 268 -9.59 -23.06 -9.99
N LEU B 269 -9.86 -22.68 -8.75
CA LEU B 269 -11.16 -22.11 -8.46
C LEU B 269 -11.30 -20.72 -9.07
N HIS B 270 -10.25 -19.92 -8.98
CA HIS B 270 -10.27 -18.59 -9.59
C HIS B 270 -10.69 -18.69 -11.08
N GLN B 271 -10.01 -19.57 -11.79
CA GLN B 271 -10.27 -19.78 -13.22
C GLN B 271 -11.66 -20.32 -13.52
N ALA B 272 -12.11 -21.31 -12.74
CA ALA B 272 -13.43 -21.88 -12.97
C ALA B 272 -14.49 -20.85 -12.71
N LEU B 273 -14.31 -20.00 -11.72
CA LEU B 273 -15.29 -18.95 -11.46
C LEU B 273 -15.13 -17.85 -12.55
N TRP B 274 -13.90 -17.66 -13.00
CA TRP B 274 -13.62 -16.66 -14.05
C TRP B 274 -14.38 -17.03 -15.34
N TYR B 275 -14.45 -18.33 -15.65
CA TYR B 275 -15.07 -18.81 -16.86
C TYR B 275 -16.58 -18.67 -16.91
N MET B 276 -17.20 -18.35 -15.78
CA MET B 276 -18.65 -18.29 -15.72
C MET B 276 -19.21 -17.05 -16.40
N GLU B 277 -20.33 -17.24 -17.11
CA GLU B 277 -21.06 -16.13 -17.73
C GLU B 277 -22.55 -16.26 -17.55
N GLU B 278 -23.26 -15.15 -17.72
CA GLU B 278 -24.72 -15.11 -17.59
C GLU B 278 -25.42 -15.95 -18.67
N ASN B 279 -26.42 -16.71 -18.25
CA ASN B 279 -27.10 -17.65 -19.13
C ASN B 279 -28.51 -17.95 -18.64
N GLU B 280 -29.32 -18.58 -19.50
CA GLU B 280 -30.63 -19.11 -19.11
C GLU B 280 -30.43 -20.45 -18.45
N VAL B 281 -30.89 -20.53 -17.20
CA VAL B 281 -30.74 -21.75 -16.45
C VAL B 281 -32.09 -22.18 -15.86
N ASN B 282 -32.34 -23.48 -15.91
CA ASN B 282 -33.46 -24.06 -15.20
C ASN B 282 -32.92 -24.64 -13.89
N VAL B 283 -33.18 -23.95 -12.79
CA VAL B 283 -32.53 -24.27 -11.51
C VAL B 283 -33.48 -25.05 -10.63
N THR B 284 -33.05 -26.23 -10.21
CA THR B 284 -33.74 -26.98 -9.18
C THR B 284 -32.82 -27.21 -7.98
N LEU B 285 -33.21 -26.69 -6.82
CA LEU B 285 -32.43 -26.82 -5.58
C LEU B 285 -33.28 -27.40 -4.47
N PRO B 286 -32.69 -28.25 -3.64
CA PRO B 286 -33.43 -28.70 -2.45
C PRO B 286 -33.28 -27.70 -1.32
N LYS B 287 -34.40 -27.33 -0.71
CA LYS B 287 -34.36 -26.51 0.50
C LYS B 287 -33.56 -27.24 1.59
N PHE B 288 -32.85 -26.48 2.40
CA PHE B 288 -32.15 -27.05 3.52
C PHE B 288 -31.95 -26.08 4.66
N LYS B 289 -31.89 -26.65 5.85
CA LYS B 289 -31.62 -25.91 7.06
C LYS B 289 -30.91 -26.85 8.02
N PHE B 290 -29.72 -26.47 8.45
CA PHE B 290 -28.97 -27.29 9.36
C PHE B 290 -27.82 -26.52 10.02
N ASP B 291 -27.20 -27.14 11.03
CA ASP B 291 -26.01 -26.56 11.63
C ASP B 291 -24.93 -27.62 11.76
N PHE B 292 -23.72 -27.18 12.08
CA PHE B 292 -22.56 -28.05 12.10
C PHE B 292 -21.56 -27.42 13.05
N SER B 293 -20.93 -28.23 13.90
CA SER B 293 -19.88 -27.69 14.75
C SER B 293 -18.67 -28.58 14.67
N GLU B 294 -17.54 -28.04 15.09
CA GLU B 294 -16.31 -28.80 15.05
C GLU B 294 -15.31 -28.21 16.03
N GLN B 295 -14.49 -29.08 16.59
CA GLN B 295 -13.32 -28.70 17.35
C GLN B 295 -12.16 -28.53 16.37
N LEU B 296 -11.59 -27.33 16.28
CA LEU B 296 -10.72 -27.02 15.14
C LEU B 296 -9.25 -27.41 15.33
N ASN B 297 -8.86 -27.74 16.57
CA ASN B 297 -7.48 -28.10 16.90
C ASN B 297 -6.90 -29.07 15.89
N GLU B 298 -7.58 -30.19 15.72
CA GLU B 298 -7.08 -31.28 14.90
C GLU B 298 -7.02 -30.92 13.38
N PRO B 299 -8.13 -30.42 12.80
CA PRO B 299 -7.98 -30.05 11.39
C PRO B 299 -6.97 -28.94 11.13
N LEU B 300 -6.86 -28.00 12.05
CA LEU B 300 -5.85 -26.96 11.92
C LEU B 300 -4.45 -27.58 11.88
N GLN B 301 -4.19 -28.56 12.74
CA GLN B 301 -2.90 -29.21 12.77
C GLN B 301 -2.66 -30.03 11.52
N GLN B 302 -3.72 -30.63 10.99
CA GLN B 302 -3.62 -31.40 9.76
C GLN B 302 -3.24 -30.55 8.54
N VAL B 303 -3.61 -29.27 8.53
CA VAL B 303 -3.28 -28.41 7.40
C VAL B 303 -2.04 -27.55 7.68
N GLY B 304 -1.30 -27.86 8.73
CA GLY B 304 0.01 -27.26 8.95
C GLY B 304 0.11 -26.21 10.04
N ILE B 305 -1.00 -25.96 10.73
CA ILE B 305 -1.01 -24.97 11.80
C ILE B 305 -0.83 -25.69 13.13
N ARG B 306 0.39 -25.61 13.65
CA ARG B 306 0.81 -26.49 14.72
C ARG B 306 1.49 -25.77 15.88
N GLU B 307 2.26 -24.73 15.61
CA GLU B 307 3.03 -24.09 16.67
C GLU B 307 2.12 -23.63 17.83
N ILE B 308 1.01 -22.96 17.50
CA ILE B 308 0.10 -22.44 18.51
C ILE B 308 -0.53 -23.50 19.41
N PHE B 309 -0.37 -24.77 19.04
CA PHE B 309 -0.92 -25.87 19.84
C PHE B 309 0.17 -26.66 20.57
N SER B 310 1.42 -26.23 20.46
CA SER B 310 2.52 -26.96 21.09
C SER B 310 2.90 -26.40 22.45
N GLN B 311 3.62 -27.19 23.23
CA GLN B 311 4.10 -26.76 24.54
C GLN B 311 4.96 -25.48 24.46
N ASN B 312 5.50 -25.18 23.28
CA ASN B 312 6.25 -23.92 23.09
C ASN B 312 5.37 -22.68 22.98
N ALA B 313 4.05 -22.85 22.88
CA ALA B 313 3.17 -21.73 22.58
C ALA B 313 2.96 -20.86 23.81
N SER B 314 2.75 -19.57 23.60
CA SER B 314 2.33 -18.68 24.67
C SER B 314 1.54 -17.50 24.14
N LEU B 315 0.85 -16.80 25.05
CA LEU B 315 -0.01 -15.69 24.71
C LEU B 315 0.29 -14.43 25.50
N PRO B 316 1.53 -13.93 25.38
CA PRO B 316 1.98 -12.83 26.24
C PRO B 316 1.21 -11.53 26.06
N LEU B 317 0.62 -11.31 24.89
CA LEU B 317 -0.11 -10.07 24.65
C LEU B 317 -1.59 -10.17 24.98
N LEU B 318 -2.06 -11.38 25.31
CA LEU B 318 -3.42 -11.59 25.82
C LEU B 318 -3.42 -11.82 27.34
N ALA B 319 -2.59 -12.73 27.81
CA ALA B 319 -2.48 -13.05 29.23
C ALA B 319 -1.21 -12.44 29.84
N ARG B 320 -1.35 -11.62 30.87
CA ARG B 320 -0.17 -11.09 31.53
C ARG B 320 0.67 -12.15 32.21
N GLY B 321 1.96 -12.20 31.88
CA GLY B 321 2.89 -13.12 32.54
C GLY B 321 3.54 -12.48 33.77
N GLU B 327 3.44 -19.72 31.52
CA GLU B 327 2.85 -19.25 30.26
C GLU B 327 1.64 -20.11 29.90
N VAL B 328 0.66 -19.50 29.23
CA VAL B 328 -0.54 -20.23 28.82
C VAL B 328 -0.75 -20.23 27.31
N ARG B 329 -1.48 -21.23 26.82
CA ARG B 329 -1.78 -21.36 25.40
C ARG B 329 -3.27 -21.65 25.19
N VAL B 330 -3.74 -21.50 23.97
CA VAL B 330 -5.12 -21.83 23.63
C VAL B 330 -5.33 -23.32 23.81
N SER B 331 -6.32 -23.71 24.61
CA SER B 331 -6.60 -25.11 24.82
C SER B 331 -7.45 -25.72 23.73
N ARG B 332 -8.59 -25.10 23.42
CA ARG B 332 -9.46 -25.59 22.36
C ARG B 332 -10.04 -24.44 21.55
N ILE B 333 -10.29 -24.74 20.27
CA ILE B 333 -10.97 -23.83 19.36
C ILE B 333 -12.20 -24.54 18.81
N PHE B 334 -13.34 -23.87 18.83
CA PHE B 334 -14.59 -24.44 18.34
C PHE B 334 -15.27 -23.46 17.39
N GLN B 335 -15.93 -23.98 16.36
CA GLN B 335 -16.83 -23.21 15.52
C GLN B 335 -18.12 -23.97 15.34
N LYS B 336 -19.23 -23.23 15.39
CA LYS B 336 -20.51 -23.76 14.98
C LYS B 336 -21.15 -22.77 14.01
N ALA B 337 -21.65 -23.30 12.89
CA ALA B 337 -22.31 -22.52 11.83
C ALA B 337 -23.69 -23.09 11.57
N GLY B 338 -24.64 -22.21 11.26
CA GLY B 338 -25.96 -22.62 10.83
C GLY B 338 -26.36 -21.88 9.56
N ILE B 339 -27.15 -22.53 8.73
CA ILE B 339 -27.53 -21.98 7.43
C ILE B 339 -28.92 -22.45 7.07
N THR B 340 -29.66 -21.57 6.44
CA THR B 340 -30.93 -21.91 5.85
C THR B 340 -31.01 -21.30 4.45
N ILE B 341 -31.50 -22.07 3.50
CA ILE B 341 -31.96 -21.51 2.23
C ILE B 341 -33.42 -21.90 2.00
N ASN B 342 -34.21 -20.94 1.53
CA ASN B 342 -35.61 -21.20 1.20
C ASN B 342 -36.01 -20.52 -0.13
N GLU B 343 -37.30 -20.47 -0.44
CA GLU B 343 -37.79 -20.04 -1.74
C GLU B 343 -37.93 -18.52 -1.85
N LEU B 344 -37.95 -17.85 -0.69
CA LEU B 344 -38.24 -16.42 -0.62
C LEU B 344 -37.26 -15.60 -1.45
N GLY B 345 -37.75 -14.50 -2.01
CA GLY B 345 -36.92 -13.61 -2.82
C GLY B 345 -37.38 -12.17 -2.77
N GLN B 366 -27.89 -24.54 -19.01
CA GLN B 366 -29.34 -24.64 -19.19
C GLN B 366 -30.03 -25.44 -18.03
N ILE B 367 -29.59 -26.67 -17.73
CA ILE B 367 -30.21 -27.44 -16.64
C ILE B 367 -29.32 -27.64 -15.39
N PHE B 368 -29.70 -27.04 -14.27
CA PHE B 368 -28.97 -27.23 -13.02
C PHE B 368 -29.89 -27.91 -11.99
N ASN B 369 -29.75 -29.22 -11.83
CA ASN B 369 -30.63 -29.98 -10.95
C ASN B 369 -29.87 -30.59 -9.78
N ALA B 370 -29.91 -29.93 -8.64
CA ALA B 370 -29.08 -30.38 -7.53
C ALA B 370 -29.80 -31.45 -6.75
N ASN B 371 -29.88 -32.66 -7.30
CA ASN B 371 -30.52 -33.77 -6.62
C ASN B 371 -29.55 -34.85 -6.21
N ARG B 372 -28.30 -34.46 -6.02
CA ARG B 372 -27.24 -35.33 -5.54
C ARG B 372 -26.23 -34.43 -4.83
N PRO B 373 -25.27 -35.00 -4.10
CA PRO B 373 -24.45 -34.19 -3.19
C PRO B 373 -23.70 -33.09 -3.90
N PHE B 374 -23.61 -31.93 -3.25
CA PHE B 374 -22.96 -30.76 -3.84
C PHE B 374 -22.29 -29.89 -2.79
N ILE B 375 -21.48 -28.96 -3.29
CA ILE B 375 -20.71 -28.01 -2.50
C ILE B 375 -21.35 -26.64 -2.66
N PHE B 376 -21.32 -25.82 -1.61
CA PHE B 376 -21.79 -24.46 -1.73
C PHE B 376 -20.93 -23.50 -0.93
N PHE B 377 -20.91 -22.25 -1.35
CA PHE B 377 -20.31 -21.21 -0.54
C PHE B 377 -20.98 -19.86 -0.69
N ILE B 378 -20.79 -19.01 0.32
CA ILE B 378 -21.32 -17.66 0.24
C ILE B 378 -20.18 -16.69 0.31
N GLU B 379 -20.22 -15.72 -0.58
CA GLU B 379 -19.09 -14.85 -0.84
C GLU B 379 -19.58 -13.41 -0.79
N ASP B 380 -18.79 -12.54 -0.18
CA ASP B 380 -18.98 -11.11 -0.26
C ASP B 380 -18.32 -10.72 -1.57
N GLU B 381 -19.14 -10.30 -2.54
CA GLU B 381 -18.64 -10.11 -3.90
C GLU B 381 -17.94 -8.76 -4.10
N THR B 382 -17.98 -7.91 -3.08
CA THR B 382 -17.19 -6.68 -3.14
C THR B 382 -15.75 -6.96 -2.70
N LEU B 383 -15.53 -7.96 -1.85
CA LEU B 383 -14.21 -8.11 -1.23
C LEU B 383 -13.57 -9.51 -1.39
N GLY B 384 -14.31 -10.49 -1.89
CA GLY B 384 -13.78 -11.83 -2.09
C GLY B 384 -13.89 -12.76 -0.88
N THR B 385 -14.55 -12.29 0.18
CA THR B 385 -14.65 -13.02 1.46
C THR B 385 -15.40 -14.34 1.36
N MET B 386 -14.79 -15.44 1.78
CA MET B 386 -15.51 -16.70 1.82
C MET B 386 -16.18 -16.87 3.19
N LEU B 387 -17.38 -16.33 3.32
CA LEU B 387 -18.09 -16.25 4.58
C LEU B 387 -18.66 -17.58 5.04
N PHE B 388 -19.17 -18.36 4.10
CA PHE B 388 -19.63 -19.70 4.41
C PHE B 388 -19.09 -20.62 3.34
N ALA B 389 -18.87 -21.85 3.75
CA ALA B 389 -18.56 -22.95 2.86
C ALA B 389 -19.26 -24.17 3.42
N GLY B 390 -19.86 -24.99 2.56
CA GLY B 390 -20.53 -26.17 3.04
C GLY B 390 -20.71 -27.26 2.01
N LYS B 391 -21.21 -28.40 2.47
CA LYS B 391 -21.68 -29.40 1.53
C LYS B 391 -23.00 -30.02 1.98
N ILE B 392 -23.77 -30.46 1.00
CA ILE B 392 -25.03 -31.14 1.20
C ILE B 392 -24.89 -32.59 0.82
N GLU B 393 -25.05 -33.46 1.81
CA GLU B 393 -24.98 -34.90 1.62
C GLU B 393 -26.36 -35.53 1.74
N ASN B 394 -27.26 -34.86 2.48
CA ASN B 394 -28.65 -35.26 2.61
C ASN B 394 -29.43 -34.05 3.14
N PRO B 395 -30.17 -33.37 2.27
CA PRO B 395 -30.76 -32.08 2.61
C PRO B 395 -32.06 -32.20 3.38
N VAL B 396 -32.08 -31.73 4.62
CA VAL B 396 -33.33 -31.73 5.37
C VAL B 396 -33.75 -30.30 5.70
N PHE B 397 -35.05 -30.05 5.58
CA PHE B 397 -35.61 -28.77 5.94
C PHE B 397 -36.69 -29.01 6.98
N GLY C 15 -7.50 7.48 23.62
CA GLY C 15 -6.72 6.63 24.50
C GLY C 15 -5.38 6.24 23.91
N PRO C 16 -4.61 5.43 24.64
CA PRO C 16 -3.23 5.10 24.24
C PRO C 16 -3.13 4.48 22.86
N PHE C 17 -1.99 4.67 22.23
CA PHE C 17 -1.70 4.09 20.92
C PHE C 17 -1.79 2.58 21.02
N GLN C 18 -2.46 1.97 20.05
CA GLN C 18 -2.69 0.53 20.06
C GLN C 18 -1.89 -0.16 18.99
N GLY C 19 -1.07 0.59 18.25
CA GLY C 19 -0.29 0.03 17.17
C GLY C 19 1.12 -0.34 17.58
N GLN C 20 1.95 -0.64 16.59
CA GLN C 20 3.37 -0.87 16.83
C GLN C 20 4.18 0.35 16.43
N ARG C 21 4.84 0.94 17.41
CA ARG C 21 5.70 2.11 17.22
C ARG C 21 6.91 1.75 16.38
N GLN C 22 7.20 2.60 15.40
CA GLN C 22 8.37 2.43 14.57
C GLN C 22 9.51 3.16 15.26
N ASN C 23 9.88 2.70 16.47
CA ASN C 23 10.78 3.46 17.33
C ASN C 23 12.15 2.80 17.57
N GLU C 24 12.55 1.87 16.72
CA GLU C 24 13.86 1.25 16.90
C GLU C 24 15.00 2.27 16.84
N PHE C 25 14.93 3.20 15.88
CA PHE C 25 15.97 4.20 15.78
C PHE C 25 15.87 5.18 16.95
N ASP C 26 14.65 5.57 17.25
CA ASP C 26 14.39 6.59 18.28
C ASP C 26 14.99 6.16 19.62
N LEU C 27 14.70 4.93 20.01
CA LEU C 27 15.11 4.42 21.31
C LEU C 27 16.61 4.33 21.37
N MET C 28 17.18 3.88 20.27
CA MET C 28 18.61 3.66 20.24
C MET C 28 19.27 5.02 20.29
N PHE C 29 18.77 5.97 19.51
CA PHE C 29 19.36 7.29 19.51
C PHE C 29 19.23 7.91 20.91
N VAL C 30 18.06 7.74 21.52
CA VAL C 30 17.79 8.32 22.83
C VAL C 30 18.78 7.77 23.87
N LYS C 31 19.02 6.47 23.82
CA LYS C 31 19.87 5.86 24.81
C LYS C 31 21.29 6.40 24.68
N GLU C 32 21.72 6.63 23.45
CA GLU C 32 23.07 7.13 23.21
C GLU C 32 23.26 8.53 23.80
N ILE C 33 22.30 9.42 23.56
CA ILE C 33 22.38 10.75 24.15
C ILE C 33 22.40 10.69 25.69
N PHE C 34 21.51 9.89 26.28
CA PHE C 34 21.31 9.83 27.73
C PHE C 34 22.54 9.33 28.46
N LYS C 35 23.23 8.35 27.88
CA LYS C 35 24.43 7.80 28.48
C LYS C 35 25.66 8.69 28.25
N ASN C 36 25.41 9.97 27.96
CA ASN C 36 26.50 10.93 27.78
C ASN C 36 26.14 12.31 28.32
N HIS C 37 25.02 12.38 29.03
CA HIS C 37 24.69 13.57 29.81
C HIS C 37 24.18 13.14 31.19
N ASN C 38 24.73 13.76 32.24
CA ASN C 38 24.24 13.54 33.60
C ASN C 38 23.24 14.62 34.02
N SER C 39 22.93 15.53 33.09
CA SER C 39 21.99 16.62 33.36
C SER C 39 20.62 16.24 32.79
N ASN C 40 19.67 17.15 32.94
CA ASN C 40 18.37 17.00 32.31
C ASN C 40 18.58 16.95 30.80
N VAL C 41 17.84 16.07 30.14
CA VAL C 41 17.87 16.03 28.68
C VAL C 41 16.46 16.14 28.13
N VAL C 42 16.34 16.77 26.97
CA VAL C 42 15.12 16.71 26.21
C VAL C 42 15.48 16.86 24.73
N LEU C 43 14.93 15.98 23.90
CA LEU C 43 15.23 15.96 22.47
C LEU C 43 13.99 15.51 21.70
N SER C 44 14.01 15.62 20.37
CA SER C 44 12.91 15.10 19.57
C SER C 44 13.40 14.03 18.59
N PRO C 45 13.23 12.74 18.94
CA PRO C 45 13.70 11.63 18.12
C PRO C 45 13.02 11.64 16.75
N PHE C 46 11.74 11.98 16.74
CA PHE C 46 11.01 12.13 15.49
C PHE C 46 11.67 13.19 14.61
N SER C 47 11.98 14.35 15.17
CA SER C 47 12.60 15.41 14.37
C SER C 47 13.97 15.00 13.86
N VAL C 48 14.69 14.19 14.64
CA VAL C 48 15.99 13.72 14.17
C VAL C 48 15.83 12.88 12.91
N LYS C 49 14.79 12.04 12.86
CA LYS C 49 14.51 11.21 11.68
C LYS C 49 14.19 12.07 10.45
N ILE C 50 13.43 13.14 10.65
CA ILE C 50 13.20 14.13 9.58
C ILE C 50 14.51 14.63 9.01
N LEU C 51 15.43 15.00 9.89
CA LEU C 51 16.74 15.49 9.48
C LEU C 51 17.45 14.45 8.63
N LEU C 52 17.54 13.23 9.15
CA LEU C 52 18.15 12.13 8.42
C LEU C 52 17.45 11.86 7.08
N THR C 53 16.14 12.08 7.02
CA THR C 53 15.41 11.85 5.79
C THR C 53 15.66 12.95 4.75
N LEU C 54 15.83 14.17 5.24
CA LEU C 54 16.18 15.28 4.36
C LEU C 54 17.54 15.01 3.72
N ILE C 55 18.45 14.44 4.50
CA ILE C 55 19.79 14.12 4.02
C ILE C 55 19.71 12.98 3.02
N TYR C 56 18.91 11.97 3.34
CA TYR C 56 18.64 10.89 2.41
C TYR C 56 18.11 11.41 1.07
N GLU C 57 17.10 12.27 1.13
CA GLU C 57 16.55 12.92 -0.06
C GLU C 57 17.60 13.65 -0.91
N ALA C 58 18.58 14.23 -0.23
CA ALA C 58 19.62 15.04 -0.87
C ALA C 58 20.72 14.20 -1.49
N SER C 59 20.75 12.93 -1.11
CA SER C 59 21.83 12.03 -1.50
C SER C 59 21.45 11.19 -2.70
N ASP C 60 22.42 10.41 -3.16
CA ASP C 60 22.15 9.42 -4.19
C ASP C 60 21.89 8.08 -3.52
N THR C 70 24.62 3.80 3.29
CA THR C 70 23.88 5.06 3.39
C THR C 70 22.38 4.86 3.27
N LYS C 71 21.98 3.78 2.62
CA LYS C 71 20.57 3.45 2.53
C LYS C 71 20.26 2.35 3.53
N ARG C 72 21.19 1.42 3.71
CA ARG C 72 21.05 0.42 4.76
C ARG C 72 21.23 1.09 6.11
N GLU C 73 22.16 2.04 6.20
CA GLU C 73 22.41 2.74 7.46
C GLU C 73 21.10 3.36 7.98
N LEU C 74 20.36 3.99 7.08
CA LEU C 74 19.10 4.65 7.45
C LEU C 74 17.87 3.76 7.26
N SER C 75 18.08 2.45 7.25
CA SER C 75 16.98 1.49 7.15
C SER C 75 15.77 1.89 7.99
N SER C 76 15.98 2.01 9.30
CA SER C 76 14.89 2.21 10.25
C SER C 76 14.31 3.61 10.25
N VAL C 77 14.68 4.40 9.24
CA VAL C 77 14.17 5.76 9.14
C VAL C 77 13.34 5.91 7.87
N ILE C 78 13.87 5.44 6.75
CA ILE C 78 13.18 5.48 5.47
C ILE C 78 12.09 4.40 5.37
N GLN C 79 11.03 4.71 4.63
CA GLN C 79 9.85 3.84 4.59
C GLN C 79 9.87 2.92 3.39
N ASN C 80 10.07 1.63 3.65
CA ASN C 80 10.15 0.60 2.62
C ASN C 80 10.77 1.10 1.31
N ASP C 81 11.88 1.82 1.45
CA ASP C 81 12.54 2.45 0.31
C ASP C 81 11.56 2.77 -0.82
N ASN C 82 10.56 3.59 -0.50
CA ASN C 82 9.66 4.15 -1.50
C ASN C 82 9.41 5.62 -1.13
N ILE C 83 9.82 6.53 -2.01
CA ILE C 83 10.00 7.91 -1.61
C ILE C 83 8.68 8.62 -1.34
N ASP C 84 7.65 8.33 -2.13
CA ASP C 84 6.36 8.97 -1.94
C ASP C 84 5.80 8.55 -0.60
N HIS C 85 6.06 7.30 -0.22
CA HIS C 85 5.57 6.77 1.05
C HIS C 85 6.24 7.50 2.19
N THR C 86 7.55 7.67 2.06
CA THR C 86 8.36 8.30 3.08
C THR C 86 7.92 9.72 3.26
N ARG C 87 7.71 10.40 2.14
CA ARG C 87 7.24 11.78 2.16
C ARG C 87 5.89 11.83 2.86
N SER C 88 4.98 10.95 2.48
CA SER C 88 3.64 11.04 3.03
C SER C 88 3.63 10.67 4.50
N TYR C 89 4.46 9.71 4.89
CA TYR C 89 4.59 9.33 6.30
C TYR C 89 5.05 10.52 7.16
N TYR C 90 6.18 11.14 6.80
CA TYR C 90 6.71 12.25 7.60
C TYR C 90 5.80 13.46 7.53
N LYS C 91 5.12 13.61 6.41
CA LYS C 91 4.24 14.74 6.26
C LYS C 91 3.02 14.48 7.16
N GLN C 92 2.46 13.29 7.10
CA GLN C 92 1.28 13.00 7.91
C GLN C 92 1.59 13.15 9.41
N LEU C 93 2.72 12.62 9.86
CA LEU C 93 3.08 12.72 11.28
C LEU C 93 3.37 14.17 11.63
N LEU C 94 4.00 14.89 10.73
CA LEU C 94 4.23 16.34 10.89
C LEU C 94 2.92 17.12 11.01
N GLU C 95 1.95 16.77 10.17
CA GLU C 95 0.65 17.44 10.14
C GLU C 95 -0.22 17.13 11.36
N SER C 96 -0.16 15.89 11.83
CA SER C 96 -0.93 15.49 12.99
C SER C 96 -0.38 16.18 14.24
N ALA C 97 0.94 16.19 14.37
CA ALA C 97 1.56 16.75 15.55
C ALA C 97 1.15 18.21 15.73
N GLN C 98 1.31 19.01 14.69
CA GLN C 98 1.04 20.45 14.81
C GLN C 98 -0.28 20.86 14.14
N GLN C 99 -1.30 20.01 14.25
CA GLN C 99 -2.64 20.40 13.78
C GLN C 99 -3.10 21.68 14.47
N TYR C 104 -2.78 22.58 22.03
CA TYR C 104 -1.53 22.86 22.72
C TYR C 104 -0.67 23.84 21.93
N ASP C 105 0.43 24.28 22.51
CA ASP C 105 1.32 25.23 21.85
C ASP C 105 2.60 24.51 21.47
N LEU C 106 2.80 24.34 20.17
CA LEU C 106 3.99 23.68 19.65
C LEU C 106 4.52 24.45 18.46
N ASN C 107 5.83 24.35 18.22
CA ASN C 107 6.36 24.57 16.88
C ASN C 107 7.60 23.71 16.63
N ILE C 108 7.57 23.02 15.49
CA ILE C 108 8.73 22.32 14.96
C ILE C 108 9.28 23.19 13.84
N ALA C 109 10.61 23.30 13.76
CA ALA C 109 11.26 24.12 12.74
C ALA C 109 12.62 23.56 12.35
N THR C 110 12.88 23.47 11.05
CA THR C 110 14.11 22.88 10.53
C THR C 110 14.68 23.68 9.37
N ASN C 111 16.00 23.89 9.36
CA ASN C 111 16.64 24.73 8.35
C ASN C 111 18.06 24.28 7.99
N PHE C 112 18.40 24.34 6.70
CA PHE C 112 19.78 24.19 6.27
C PHE C 112 20.41 25.59 6.17
N PHE C 113 21.53 25.82 6.83
CA PHE C 113 22.27 27.06 6.60
C PHE C 113 23.47 26.74 5.72
N VAL C 114 23.39 27.21 4.47
CA VAL C 114 24.27 26.75 3.41
C VAL C 114 25.21 27.88 2.99
N ASP C 115 26.47 27.56 2.77
CA ASP C 115 27.44 28.57 2.38
C ASP C 115 27.07 29.18 1.03
N ASP C 116 27.43 30.45 0.83
CA ASP C 116 26.99 31.21 -0.33
C ASP C 116 27.42 30.63 -1.66
N PHE C 117 28.54 29.94 -1.68
CA PHE C 117 29.06 29.46 -2.95
C PHE C 117 28.31 28.23 -3.45
N ILE C 118 27.53 27.59 -2.57
CA ILE C 118 26.79 26.39 -2.96
C ILE C 118 25.47 26.76 -3.66
N GLU C 119 25.20 26.09 -4.79
CA GLU C 119 23.98 26.38 -5.54
C GLU C 119 22.86 25.44 -5.10
N VAL C 120 21.94 25.98 -4.30
CA VAL C 120 20.80 25.22 -3.83
C VAL C 120 19.83 24.95 -4.97
N ILE C 121 19.51 23.67 -5.16
CA ILE C 121 18.60 23.23 -6.20
C ILE C 121 17.19 23.53 -5.74
N ASN C 122 16.41 24.19 -6.59
CA ASN C 122 15.14 24.76 -6.13
C ASN C 122 14.04 23.71 -5.93
N LYS C 123 14.05 22.63 -6.72
CA LYS C 123 13.13 21.52 -6.48
C LYS C 123 13.40 20.87 -5.10
N TYR C 124 14.62 20.96 -4.60
CA TYR C 124 14.92 20.45 -3.26
C TYR C 124 14.29 21.36 -2.21
N GLN C 125 14.43 22.66 -2.40
CA GLN C 125 13.76 23.59 -1.50
C GLN C 125 12.26 23.32 -1.49
N GLN C 126 11.70 22.97 -2.64
CA GLN C 126 10.26 22.69 -2.72
C GLN C 126 9.82 21.44 -1.94
N ILE C 127 10.52 20.31 -2.10
CA ILE C 127 10.09 19.11 -1.37
C ILE C 127 10.41 19.23 0.11
N ALA C 128 11.44 19.99 0.44
CA ALA C 128 11.76 20.21 1.85
C ALA C 128 10.62 20.90 2.59
N ASN C 129 10.03 21.90 1.96
CA ASN C 129 8.93 22.65 2.58
CA ASN C 129 8.93 22.65 2.59
C ASN C 129 7.64 21.84 2.61
N THR C 130 7.32 21.22 1.49
CA THR C 130 6.05 20.53 1.36
C THR C 130 5.95 19.34 2.29
N HIS C 131 6.97 18.49 2.27
CA HIS C 131 6.85 17.21 2.95
C HIS C 131 7.52 17.17 4.32
N TYR C 132 8.49 18.03 4.56
CA TYR C 132 9.28 17.93 5.78
C TYR C 132 9.26 19.23 6.60
N HIS C 133 8.52 20.22 6.13
CA HIS C 133 8.41 21.51 6.81
C HIS C 133 9.80 22.01 7.11
N ALA C 134 10.65 21.99 6.09
CA ALA C 134 12.04 22.38 6.27
C ALA C 134 12.41 23.43 5.25
N MET C 135 13.40 24.24 5.58
CA MET C 135 13.84 25.31 4.71
C MET C 135 15.35 25.29 4.49
N LEU C 136 15.81 26.02 3.49
CA LEU C 136 17.23 26.25 3.29
C LEU C 136 17.52 27.75 3.18
N GLU C 137 18.72 28.13 3.56
CA GLU C 137 19.13 29.53 3.59
C GLU C 137 20.60 29.65 3.27
N LYS C 138 20.94 30.71 2.55
CA LYS C 138 22.33 30.95 2.21
C LYS C 138 22.91 31.87 3.25
N VAL C 139 24.15 31.59 3.62
CA VAL C 139 24.92 32.49 4.47
C VAL C 139 26.39 32.33 4.04
N SER C 140 27.27 33.08 4.68
CA SER C 140 28.71 32.94 4.41
C SER C 140 29.45 32.58 5.68
N TYR C 141 30.06 31.39 5.65
CA TYR C 141 30.82 30.85 6.79
C TYR C 141 32.19 31.51 6.93
N SER C 142 32.48 32.43 6.02
CA SER C 142 33.66 33.27 6.13
C SER C 142 33.41 34.40 7.13
N ASN C 143 32.14 34.64 7.44
CA ASN C 143 31.75 35.64 8.44
C ASN C 143 31.01 34.99 9.62
N PRO C 144 31.68 34.10 10.36
CA PRO C 144 31.17 33.33 11.50
C PRO C 144 30.40 34.12 12.56
N THR C 145 30.01 35.36 12.29
CA THR C 145 29.36 36.17 13.33
C THR C 145 28.01 36.67 12.87
N GLN C 146 27.97 37.24 11.66
CA GLN C 146 26.71 37.60 11.03
C GLN C 146 25.80 36.36 10.92
N THR C 147 26.40 35.17 10.89
CA THR C 147 25.69 33.94 10.52
C THR C 147 25.19 33.19 11.77
N ALA C 148 26.09 32.96 12.72
CA ALA C 148 25.73 32.62 14.10
C ALA C 148 24.56 33.51 14.51
N ALA C 149 24.69 34.77 14.16
CA ALA C 149 23.66 35.74 14.45
C ALA C 149 22.36 35.34 13.76
N THR C 150 22.39 35.23 12.44
CA THR C 150 21.20 34.88 11.67
C THR C 150 20.52 33.60 12.15
N ILE C 151 21.33 32.64 12.61
CA ILE C 151 20.82 31.34 13.07
C ILE C 151 20.09 31.47 14.40
N ASN C 152 20.85 31.77 15.45
CA ASN C 152 20.28 31.96 16.77
C ASN C 152 19.03 32.82 16.67
N ASN C 153 19.03 33.75 15.72
CA ASN C 153 17.88 34.61 15.48
C ASN C 153 16.75 33.85 14.78
N TRP C 154 17.13 33.03 13.80
CA TRP C 154 16.16 32.19 13.10
C TRP C 154 15.40 31.40 14.17
N VAL C 155 16.14 30.96 15.18
CA VAL C 155 15.56 30.23 16.32
C VAL C 155 14.48 31.01 17.04
N SER C 156 14.89 32.12 17.66
CA SER C 156 14.00 32.91 18.52
C SER C 156 12.68 33.19 17.80
N GLU C 157 12.77 33.43 16.51
CA GLU C 157 11.60 33.74 15.69
C GLU C 157 10.68 32.53 15.60
N HIS C 158 11.27 31.35 15.46
CA HIS C 158 10.51 30.13 15.22
C HIS C 158 10.14 29.39 16.49
N THR C 159 10.59 29.90 17.63
CA THR C 159 10.24 29.30 18.92
C THR C 159 9.50 30.30 19.80
N ASN C 160 9.07 31.42 19.22
CA ASN C 160 8.38 32.45 19.98
C ASN C 160 9.29 33.00 21.08
N GLY C 161 10.59 32.90 20.86
CA GLY C 161 11.56 33.43 21.79
C GLY C 161 11.80 32.57 23.01
N ARG C 162 11.20 31.38 23.08
CA ARG C 162 11.41 30.48 24.23
C ARG C 162 12.81 29.88 24.13
N LEU C 163 13.31 29.77 22.91
CA LEU C 163 14.69 29.37 22.69
C LEU C 163 15.42 30.51 21.97
N ARG C 164 16.50 30.99 22.59
CA ARG C 164 17.15 32.22 22.13
C ARG C 164 18.35 31.95 21.23
N GLU C 165 19.10 30.90 21.56
CA GLU C 165 20.38 30.64 20.91
C GLU C 165 20.64 29.15 20.73
N ILE C 166 21.72 28.83 20.03
CA ILE C 166 22.10 27.43 19.81
C ILE C 166 23.55 27.25 19.32
N VAL C 167 24.07 28.23 18.58
CA VAL C 167 25.45 28.14 18.11
C VAL C 167 26.28 29.39 18.40
N THR C 168 27.58 29.16 18.50
CA THR C 168 28.55 30.23 18.51
C THR C 168 29.40 30.15 17.24
N PRO C 169 30.14 31.22 16.94
CA PRO C 169 31.18 31.21 15.92
C PRO C 169 32.14 30.04 16.09
N ASP C 170 32.66 29.87 17.30
CA ASP C 170 33.54 28.76 17.63
C ASP C 170 32.87 27.45 17.23
N SER C 171 31.55 27.43 17.37
CA SER C 171 30.78 26.28 16.96
C SER C 171 30.27 26.50 15.53
N LEU C 172 31.18 26.55 14.56
CA LEU C 172 30.87 26.67 13.13
C LEU C 172 32.14 26.67 12.24
N GLU C 173 33.17 25.90 12.61
CA GLU C 173 34.47 26.04 11.96
C GLU C 173 34.68 24.99 10.88
N GLY C 174 35.12 25.44 9.69
CA GLY C 174 35.33 24.56 8.55
C GLY C 174 34.02 24.02 8.00
N ALA C 175 32.96 24.81 8.14
CA ALA C 175 31.64 24.36 7.74
C ALA C 175 31.11 25.07 6.49
N VAL C 176 30.37 24.33 5.67
CA VAL C 176 29.71 24.87 4.50
C VAL C 176 28.20 24.67 4.53
N ILE C 177 27.74 23.60 5.17
CA ILE C 177 26.31 23.40 5.42
C ILE C 177 26.06 22.99 6.87
N THR C 178 25.19 23.73 7.53
CA THR C 178 24.80 23.39 8.90
C THR C 178 23.33 23.09 8.89
N LEU C 179 22.95 21.91 9.38
CA LEU C 179 21.56 21.52 9.49
C LEU C 179 21.07 21.68 10.93
N VAL C 180 20.03 22.49 11.12
CA VAL C 180 19.53 22.76 12.46
C VAL C 180 18.04 22.52 12.62
N ASN C 181 17.68 21.83 13.71
CA ASN C 181 16.30 21.61 14.08
C ASN C 181 16.05 22.17 15.46
N VAL C 182 14.96 22.90 15.62
CA VAL C 182 14.52 23.31 16.95
C VAL C 182 13.06 23.00 17.12
N ILE C 183 12.64 22.73 18.36
CA ILE C 183 11.26 22.41 18.65
C ILE C 183 10.93 22.87 20.07
N TYR C 184 9.73 23.41 20.27
CA TYR C 184 9.29 23.80 21.59
C TYR C 184 7.88 23.32 21.82
N PHE C 185 7.56 22.99 23.06
CA PHE C 185 6.22 22.49 23.38
C PHE C 185 5.76 22.94 24.76
N LYS C 186 4.49 23.25 24.87
CA LYS C 186 3.84 23.57 26.12
C LYS C 186 2.37 23.26 25.94
N GLY C 187 1.87 22.34 26.76
CA GLY C 187 0.52 21.83 26.57
C GLY C 187 -0.34 21.97 27.81
N LEU C 188 -1.60 21.57 27.67
CA LEU C 188 -2.54 21.58 28.77
C LEU C 188 -2.96 20.15 29.08
N TRP C 189 -2.68 19.73 30.31
CA TRP C 189 -3.15 18.43 30.76
C TRP C 189 -4.65 18.31 30.48
N THR C 190 -5.13 17.08 30.47
CA THR C 190 -6.55 16.82 30.39
C THR C 190 -7.11 16.82 31.80
N TYR C 191 -6.26 16.44 32.75
CA TYR C 191 -6.62 16.42 34.16
C TYR C 191 -5.75 17.41 34.91
N PRO C 192 -6.24 18.65 35.06
CA PRO C 192 -5.39 19.63 35.74
C PRO C 192 -5.01 19.12 37.11
N PHE C 193 -3.89 19.59 37.63
CA PHE C 193 -3.46 19.18 38.97
C PHE C 193 -4.23 19.92 40.08
N ASN C 199 4.42 23.37 47.32
CA ASN C 199 4.46 21.97 47.71
C ASN C 199 5.90 21.46 47.59
N VAL C 200 6.86 22.31 47.99
CA VAL C 200 8.28 21.97 47.92
C VAL C 200 8.65 20.74 48.76
N LYS C 201 9.62 19.99 48.25
CA LYS C 201 9.92 18.64 48.71
C LYS C 201 11.31 18.29 48.23
N PRO C 202 12.00 17.38 48.92
CA PRO C 202 13.29 16.95 48.41
C PRO C 202 13.14 16.24 47.07
N PHE C 203 14.17 16.32 46.22
CA PHE C 203 14.31 15.46 45.06
C PHE C 203 15.66 14.76 45.19
N TYR C 204 15.69 13.45 45.04
CA TYR C 204 16.90 12.68 45.32
C TYR C 204 17.66 12.26 44.06
N GLY C 205 18.47 13.17 43.54
CA GLY C 205 19.33 12.89 42.40
C GLY C 205 20.38 11.85 42.76
N THR C 206 21.31 11.60 41.84
CA THR C 206 22.36 10.61 42.05
C THR C 206 23.74 11.23 41.85
N PRO C 210 21.57 15.98 46.51
CA PRO C 210 20.16 15.98 46.92
C PRO C 210 19.63 17.40 47.00
N THR C 211 18.35 17.60 46.69
CA THR C 211 17.90 18.94 46.32
C THR C 211 16.44 19.22 46.66
N ASN C 212 15.95 20.35 46.13
CA ASN C 212 14.58 20.79 46.35
C ASN C 212 13.83 21.11 45.07
N ALA C 213 12.51 20.88 45.08
CA ALA C 213 11.69 21.03 43.89
C ALA C 213 10.25 21.36 44.22
N GLN C 214 9.60 22.07 43.30
CA GLN C 214 8.18 22.35 43.39
C GLN C 214 7.40 21.19 42.78
N TYR C 215 6.80 20.36 43.62
CA TYR C 215 5.97 19.27 43.13
C TYR C 215 4.54 19.72 42.93
N MET C 216 3.80 18.94 42.16
CA MET C 216 2.38 19.14 41.98
C MET C 216 1.75 17.75 42.05
N GLU C 217 0.71 17.62 42.85
CA GLU C 217 0.16 16.30 43.16
C GLU C 217 -1.33 16.25 42.88
N GLN C 218 -1.80 15.10 42.41
CA GLN C 218 -3.23 14.87 42.23
C GLN C 218 -3.55 13.39 42.32
N ASN C 219 -4.83 13.09 42.42
CA ASN C 219 -5.32 11.72 42.37
C ASN C 219 -6.24 11.63 41.18
N GLY C 220 -6.29 10.47 40.53
CA GLY C 220 -7.13 10.30 39.37
C GLY C 220 -6.99 8.96 38.69
N GLN C 221 -7.66 8.82 37.55
CA GLN C 221 -7.65 7.60 36.79
C GLN C 221 -6.66 7.73 35.65
N PHE C 222 -5.53 7.02 35.74
CA PHE C 222 -4.52 7.07 34.68
C PHE C 222 -4.06 5.68 34.29
N TYR C 223 -3.64 5.54 33.03
CA TYR C 223 -3.00 4.32 32.59
C TYR C 223 -1.68 4.22 33.33
N TYR C 224 -1.41 3.04 33.86
CA TYR C 224 -0.31 2.84 34.78
C TYR C 224 0.06 1.38 34.82
N ASP C 225 1.33 1.10 35.12
CA ASP C 225 1.70 -0.25 35.47
C ASP C 225 3.00 -0.26 36.24
N ASN C 226 3.25 -1.32 36.99
CA ASN C 226 4.59 -1.53 37.52
C ASN C 226 5.25 -2.65 36.73
N SER C 227 6.19 -2.29 35.88
CA SER C 227 6.89 -3.25 35.03
C SER C 227 8.02 -3.94 35.78
N ALA C 228 7.80 -5.22 36.04
CA ALA C 228 8.84 -6.07 36.59
C ALA C 228 9.97 -6.22 35.57
N ASP C 229 9.59 -6.38 34.29
CA ASP C 229 10.56 -6.55 33.22
C ASP C 229 11.53 -5.39 33.11
N LEU C 230 11.00 -4.18 33.10
CA LEU C 230 11.84 -2.98 33.01
C LEU C 230 12.34 -2.55 34.40
N GLY C 231 11.76 -3.12 35.45
CA GLY C 231 12.13 -2.74 36.80
C GLY C 231 11.82 -1.27 37.01
N ALA C 232 10.57 -0.91 36.75
CA ALA C 232 10.18 0.50 36.79
C ALA C 232 8.68 0.67 36.72
N GLN C 233 8.22 1.84 37.18
CA GLN C 233 6.82 2.22 37.08
C GLN C 233 6.64 3.09 35.86
N ILE C 234 5.50 2.92 35.20
CA ILE C 234 5.14 3.73 34.06
C ILE C 234 3.80 4.41 34.30
N LEU C 235 3.72 5.68 33.93
CA LEU C 235 2.49 6.45 34.05
C LEU C 235 2.23 7.23 32.78
N ARG C 236 0.95 7.30 32.41
CA ARG C 236 0.54 8.14 31.28
C ARG C 236 -0.35 9.29 31.74
N LEU C 237 -0.01 10.50 31.32
CA LEU C 237 -0.83 11.69 31.55
C LEU C 237 -1.18 12.31 30.21
N PRO C 238 -2.47 12.31 29.84
CA PRO C 238 -2.85 12.86 28.53
C PRO C 238 -2.96 14.38 28.49
N TYR C 239 -2.83 14.96 27.29
CA TYR C 239 -3.01 16.40 27.08
C TYR C 239 -4.36 16.70 26.43
N ARG C 240 -4.90 17.90 26.66
CA ARG C 240 -6.06 18.36 25.90
C ARG C 240 -5.75 18.19 24.43
N GLY C 241 -6.76 17.88 23.62
CA GLY C 241 -6.58 17.84 22.18
C GLY C 241 -6.74 16.43 21.63
N ASN C 242 -6.76 15.46 22.55
CA ASN C 242 -6.94 14.07 22.17
C ASN C 242 -5.96 13.63 21.08
N LYS C 243 -4.68 13.87 21.33
CA LYS C 243 -3.64 13.42 20.42
C LYS C 243 -2.41 13.03 21.20
N LEU C 244 -1.97 13.93 22.08
CA LEU C 244 -0.70 13.76 22.75
C LEU C 244 -0.86 13.30 24.18
N ALA C 245 0.17 12.62 24.67
CA ALA C 245 0.30 12.31 26.08
C ALA C 245 1.77 12.31 26.47
N MET C 246 2.03 12.53 27.74
CA MET C 246 3.37 12.37 28.30
C MET C 246 3.41 11.08 29.07
N TYR C 247 4.45 10.29 28.82
CA TYR C 247 4.67 9.08 29.55
C TYR C 247 5.82 9.31 30.52
N PHE C 248 5.71 8.73 31.70
CA PHE C 248 6.79 8.82 32.68
C PHE C 248 7.25 7.42 33.02
N ILE C 249 8.55 7.21 32.97
CA ILE C 249 9.12 5.93 33.40
C ILE C 249 10.05 6.18 34.59
N LEU C 250 9.60 5.71 35.75
CA LEU C 250 10.25 5.97 37.03
C LEU C 250 10.85 4.69 37.56
N PRO C 251 12.18 4.57 37.51
CA PRO C 251 12.81 3.32 37.95
C PRO C 251 12.43 2.99 39.38
N ASN C 252 12.27 1.71 39.71
CA ASN C 252 12.03 1.28 41.10
C ASN C 252 13.26 1.61 41.95
N PRO C 253 13.06 1.77 43.28
CA PRO C 253 14.11 2.15 44.24
C PRO C 253 15.44 1.41 44.04
N ASP C 254 15.36 0.14 43.71
CA ASP C 254 16.55 -0.68 43.54
C ASP C 254 17.33 -0.30 42.27
N ASN C 255 16.80 0.62 41.47
CA ASN C 255 17.30 0.79 40.11
C ASN C 255 17.64 2.20 39.66
N THR C 256 18.44 2.29 38.59
CA THR C 256 18.84 3.56 37.99
C THR C 256 18.14 3.75 36.65
N VAL C 257 18.13 4.99 36.20
CA VAL C 257 17.65 5.31 34.87
C VAL C 257 18.43 4.51 33.84
N ASN C 258 19.75 4.51 33.98
CA ASN C 258 20.60 3.79 33.04
C ASN C 258 20.33 2.28 33.03
N GLN C 259 19.85 1.75 34.15
CA GLN C 259 19.55 0.33 34.22
C GLN C 259 18.26 0.01 33.48
N VAL C 260 17.29 0.92 33.58
CA VAL C 260 16.03 0.75 32.89
C VAL C 260 16.27 0.90 31.39
N LEU C 261 16.98 1.95 31.01
CA LEU C 261 17.29 2.20 29.60
C LEU C 261 17.88 0.97 28.92
N ASP C 262 18.78 0.27 29.60
CA ASP C 262 19.43 -0.90 29.02
C ASP C 262 18.45 -2.03 28.74
N ARG C 263 17.32 -2.01 29.44
CA ARG C 263 16.29 -3.01 29.26
C ARG C 263 15.26 -2.61 28.19
N ILE C 264 15.31 -1.36 27.76
CA ILE C 264 14.35 -0.81 26.82
C ILE C 264 14.76 -1.02 25.37
N ASN C 265 13.90 -1.66 24.61
CA ASN C 265 14.04 -1.74 23.17
C ASN C 265 12.63 -1.71 22.59
N SER C 266 12.49 -1.82 21.27
CA SER C 266 11.19 -1.68 20.63
C SER C 266 10.18 -2.68 21.17
N ALA C 267 10.61 -3.94 21.30
CA ALA C 267 9.73 -5.00 21.78
C ALA C 267 9.40 -4.86 23.27
N SER C 268 10.41 -4.61 24.10
CA SER C 268 10.19 -4.59 25.55
C SER C 268 9.38 -3.36 25.94
N LEU C 269 9.58 -2.25 25.24
CA LEU C 269 8.79 -1.06 25.48
C LEU C 269 7.37 -1.29 25.00
N HIS C 270 7.21 -1.89 23.82
CA HIS C 270 5.89 -2.21 23.33
C HIS C 270 5.08 -2.96 24.38
N GLN C 271 5.66 -4.04 24.88
CA GLN C 271 4.94 -4.91 25.78
C GLN C 271 4.73 -4.28 27.18
N ALA C 272 5.71 -3.51 27.64
CA ALA C 272 5.56 -2.79 28.89
C ALA C 272 4.42 -1.78 28.80
N LEU C 273 4.34 -1.05 27.68
CA LEU C 273 3.25 -0.10 27.51
C LEU C 273 1.92 -0.84 27.32
N TRP C 274 1.98 -2.00 26.68
CA TRP C 274 0.77 -2.77 26.38
C TRP C 274 0.07 -3.21 27.68
N TYR C 275 0.87 -3.48 28.71
CA TYR C 275 0.34 -3.94 30.00
C TYR C 275 -0.36 -2.87 30.79
N MET C 276 -0.19 -1.60 30.41
CA MET C 276 -0.79 -0.53 31.17
C MET C 276 -2.30 -0.51 31.01
N GLU C 277 -2.99 -0.28 32.11
CA GLU C 277 -4.42 -0.07 32.12
C GLU C 277 -4.78 0.95 33.20
N GLU C 278 -5.96 1.54 33.09
CA GLU C 278 -6.35 2.57 34.02
C GLU C 278 -6.31 2.06 35.45
N ASN C 279 -5.57 2.75 36.29
CA ASN C 279 -5.59 2.53 37.72
C ASN C 279 -5.89 3.85 38.39
N GLU C 280 -6.37 3.80 39.63
CA GLU C 280 -6.45 5.00 40.44
C GLU C 280 -5.04 5.27 40.95
N VAL C 281 -4.49 6.45 40.64
CA VAL C 281 -3.11 6.73 41.03
C VAL C 281 -2.96 8.05 41.78
N ASN C 282 -2.11 8.01 42.80
CA ASN C 282 -1.68 9.23 43.47
C ASN C 282 -0.37 9.71 42.85
N VAL C 283 -0.43 10.83 42.14
CA VAL C 283 0.67 11.27 41.31
C VAL C 283 1.38 12.47 41.90
N THR C 284 2.68 12.33 42.11
CA THR C 284 3.53 13.44 42.52
C THR C 284 4.65 13.68 41.51
N LEU C 285 4.62 14.82 40.83
CA LEU C 285 5.62 15.14 39.81
C LEU C 285 6.28 16.51 40.01
N PRO C 286 7.62 16.55 39.90
CA PRO C 286 8.33 17.84 39.94
C PRO C 286 8.05 18.67 38.71
N LYS C 287 7.67 19.93 38.90
CA LYS C 287 7.54 20.83 37.78
C LYS C 287 8.92 21.04 37.16
N PHE C 288 8.94 21.21 35.84
CA PHE C 288 10.19 21.56 35.18
C PHE C 288 9.95 22.38 33.91
N LYS C 289 10.97 23.17 33.59
CA LYS C 289 10.98 23.99 32.39
C LYS C 289 12.45 24.16 32.08
N PHE C 290 12.89 23.61 30.97
CA PHE C 290 14.30 23.64 30.64
C PHE C 290 14.48 23.43 29.14
N ASP C 291 15.74 23.43 28.70
CA ASP C 291 16.04 23.21 27.31
C ASP C 291 17.40 22.55 27.21
N PHE C 292 17.72 22.04 26.03
CA PHE C 292 18.85 21.17 25.83
C PHE C 292 19.21 21.24 24.37
N SER C 293 20.50 21.19 24.06
CA SER C 293 20.94 21.27 22.68
C SER C 293 22.12 20.34 22.55
N GLU C 294 22.36 19.84 21.35
CA GLU C 294 23.48 18.94 21.12
C GLU C 294 23.86 18.87 19.64
N GLN C 295 25.10 18.53 19.37
CA GLN C 295 25.59 18.32 18.01
C GLN C 295 25.49 16.84 17.71
N LEU C 296 24.63 16.48 16.76
CA LEU C 296 24.25 15.09 16.56
C LEU C 296 25.29 14.25 15.82
N ASN C 297 26.29 14.91 15.23
CA ASN C 297 27.31 14.20 14.47
C ASN C 297 27.83 12.97 15.20
N GLU C 298 28.29 13.18 16.44
CA GLU C 298 28.94 12.14 17.21
C GLU C 298 27.98 11.01 17.62
N PRO C 299 26.86 11.37 18.28
CA PRO C 299 25.94 10.29 18.67
C PRO C 299 25.37 9.53 17.47
N LEU C 300 25.06 10.25 16.39
CA LEU C 300 24.62 9.62 15.14
C LEU C 300 25.64 8.58 14.66
N GLN C 301 26.88 9.00 14.54
CA GLN C 301 27.95 8.10 14.12
C GLN C 301 28.04 6.89 15.06
N GLN C 302 27.88 7.10 16.36
CA GLN C 302 27.98 5.99 17.32
C GLN C 302 26.90 4.93 17.12
N VAL C 303 25.69 5.36 16.75
CA VAL C 303 24.59 4.39 16.55
C VAL C 303 24.58 3.79 15.15
N GLY C 304 25.57 4.13 14.34
CA GLY C 304 25.77 3.46 13.06
C GLY C 304 25.50 4.28 11.81
N ILE C 305 25.41 5.60 11.96
CA ILE C 305 25.19 6.46 10.80
C ILE C 305 26.44 7.29 10.57
N ARG C 306 27.33 6.79 9.73
CA ARG C 306 28.60 7.48 9.50
C ARG C 306 28.80 7.96 8.06
N GLU C 307 28.26 7.23 7.11
CA GLU C 307 28.57 7.52 5.70
C GLU C 307 28.27 8.97 5.31
N ILE C 308 27.15 9.51 5.77
CA ILE C 308 26.83 10.88 5.37
C ILE C 308 27.84 11.87 5.93
N PHE C 309 28.64 11.42 6.90
CA PHE C 309 29.69 12.24 7.50
C PHE C 309 31.08 11.91 6.93
N SER C 310 31.14 10.91 6.04
CA SER C 310 32.40 10.48 5.44
C SER C 310 32.92 11.41 4.34
N GLN C 311 34.11 11.09 3.83
CA GLN C 311 34.75 11.91 2.80
C GLN C 311 34.00 11.77 1.48
N ASN C 312 33.52 10.56 1.21
CA ASN C 312 32.79 10.28 -0.02
C ASN C 312 31.30 10.58 0.08
N ALA C 313 30.93 11.44 1.03
CA ALA C 313 29.54 11.89 1.14
C ALA C 313 29.26 12.95 0.09
N SER C 314 28.07 12.91 -0.49
CA SER C 314 27.64 13.95 -1.43
C SER C 314 26.17 14.25 -1.26
N LEU C 315 25.77 15.42 -1.74
CA LEU C 315 24.39 15.86 -1.67
C LEU C 315 23.95 16.32 -3.06
N PRO C 316 24.06 15.44 -4.05
CA PRO C 316 23.86 15.87 -5.45
C PRO C 316 22.42 16.30 -5.76
N LEU C 317 21.45 15.93 -4.93
CA LEU C 317 20.09 16.41 -5.16
C LEU C 317 19.77 17.69 -4.38
N LEU C 318 20.68 18.13 -3.52
CA LEU C 318 20.50 19.39 -2.79
C LEU C 318 21.36 20.47 -3.42
N ALA C 319 22.64 20.15 -3.61
CA ALA C 319 23.61 21.09 -4.16
C ALA C 319 24.01 20.74 -5.58
N ARG C 320 23.94 21.74 -6.47
CA ARG C 320 24.24 21.53 -7.89
C ARG C 320 25.73 21.26 -8.13
N GLY C 321 26.02 20.29 -8.98
CA GLY C 321 27.40 20.00 -9.36
C GLY C 321 27.84 20.83 -10.56
N GLU C 327 32.24 18.17 -4.38
CA GLU C 327 31.26 17.46 -3.56
C GLU C 327 31.16 18.11 -2.19
N VAL C 328 29.94 18.43 -1.77
CA VAL C 328 29.72 19.00 -0.46
C VAL C 328 28.93 18.03 0.42
N ARG C 329 29.09 18.15 1.74
CA ARG C 329 28.37 17.29 2.66
C ARG C 329 27.83 18.09 3.84
N VAL C 330 26.94 17.48 4.61
CA VAL C 330 26.46 18.11 5.83
C VAL C 330 27.62 18.18 6.82
N SER C 331 27.94 19.39 7.26
CA SER C 331 29.07 19.61 8.15
C SER C 331 28.68 19.31 9.58
N ARG C 332 27.61 19.97 10.01
CA ARG C 332 27.16 19.88 11.38
C ARG C 332 25.66 19.80 11.46
N ILE C 333 25.21 19.04 12.46
CA ILE C 333 23.80 18.92 12.76
C ILE C 333 23.60 19.25 14.25
N PHE C 334 22.70 20.18 14.53
CA PHE C 334 22.40 20.58 15.89
C PHE C 334 20.92 20.46 16.06
N GLN C 335 20.49 19.99 17.23
CA GLN C 335 19.10 20.11 17.62
C GLN C 335 19.03 20.80 18.97
N LYS C 336 18.00 21.62 19.16
CA LYS C 336 17.71 22.16 20.46
C LYS C 336 16.23 22.00 20.77
N ALA C 337 15.92 21.49 21.94
CA ALA C 337 14.54 21.29 22.35
C ALA C 337 14.30 21.98 23.69
N GLY C 338 13.09 22.45 23.91
CA GLY C 338 12.69 23.00 25.18
C GLY C 338 11.37 22.40 25.57
N ILE C 339 11.17 22.13 26.85
CA ILE C 339 9.96 21.49 27.32
C ILE C 339 9.46 22.19 28.57
N THR C 340 8.13 22.20 28.75
CA THR C 340 7.54 22.82 29.92
C THR C 340 6.25 22.12 30.35
N ILE C 341 6.21 21.70 31.62
CA ILE C 341 4.99 21.16 32.22
C ILE C 341 4.69 21.87 33.53
N ASN C 342 3.39 21.99 33.82
CA ASN C 342 2.92 22.61 35.04
C ASN C 342 1.51 22.12 35.33
N GLU C 343 0.92 22.65 36.39
CA GLU C 343 -0.44 22.33 36.75
C GLU C 343 -1.35 22.76 35.60
N VAL C 365 -5.14 1.53 45.47
CA VAL C 365 -4.68 2.83 45.00
C VAL C 365 -3.18 2.84 44.83
N GLN C 366 -2.70 3.32 43.69
CA GLN C 366 -1.27 3.24 43.42
C GLN C 366 -0.54 4.57 43.66
N ILE C 367 0.71 4.46 44.07
CA ILE C 367 1.54 5.62 44.34
C ILE C 367 2.64 5.82 43.30
N PHE C 368 2.61 6.97 42.62
CA PHE C 368 3.65 7.32 41.67
C PHE C 368 4.32 8.60 42.15
N ASN C 369 5.46 8.42 42.82
CA ASN C 369 6.16 9.54 43.44
C ASN C 369 7.49 9.81 42.75
N ALA C 370 7.46 10.67 41.73
CA ALA C 370 8.65 10.88 40.90
C ALA C 370 9.65 11.81 41.59
N ASN C 371 10.19 11.35 42.73
CA ASN C 371 11.12 12.15 43.51
C ASN C 371 12.55 11.63 43.42
N ARG C 372 12.80 10.80 42.40
CA ARG C 372 14.16 10.52 41.97
C ARG C 372 14.16 10.52 40.43
N PRO C 373 15.35 10.49 39.81
CA PRO C 373 15.41 10.72 38.36
C PRO C 373 14.55 9.74 37.58
N PHE C 374 13.98 10.21 36.48
CA PHE C 374 13.08 9.41 35.66
C PHE C 374 13.15 9.84 34.17
N ILE C 375 12.59 8.99 33.32
CA ILE C 375 12.52 9.23 31.88
C ILE C 375 11.12 9.71 31.53
N PHE C 376 11.02 10.60 30.54
CA PHE C 376 9.71 10.97 30.04
C PHE C 376 9.73 11.07 28.52
N PHE C 377 8.57 10.93 27.91
CA PHE C 377 8.46 11.11 26.47
C PHE C 377 7.05 11.50 26.09
N ILE C 378 6.95 12.34 25.08
CA ILE C 378 5.67 12.72 24.53
C ILE C 378 5.43 12.03 23.21
N GLU C 379 4.26 11.41 23.09
CA GLU C 379 3.91 10.61 21.94
C GLU C 379 2.61 11.10 21.31
N ASP C 380 2.58 11.09 19.99
CA ASP C 380 1.35 11.28 19.23
C ASP C 380 0.65 9.93 19.28
N GLU C 381 -0.46 9.86 19.98
CA GLU C 381 -1.07 8.58 20.31
C GLU C 381 -1.95 8.07 19.19
N THR C 382 -2.09 8.88 18.14
CA THR C 382 -2.79 8.46 16.94
C THR C 382 -1.84 7.68 16.02
N LEU C 383 -0.55 8.01 16.06
CA LEU C 383 0.40 7.41 15.11
C LEU C 383 1.63 6.75 15.73
N GLY C 384 1.88 6.97 17.01
CA GLY C 384 2.98 6.31 17.68
C GLY C 384 4.27 7.12 17.67
N THR C 385 4.16 8.36 17.18
CA THR C 385 5.30 9.26 17.02
C THR C 385 5.95 9.65 18.32
N MET C 386 7.26 9.43 18.44
CA MET C 386 7.97 9.85 19.63
C MET C 386 8.47 11.29 19.46
N LEU C 387 7.62 12.26 19.78
CA LEU C 387 7.88 13.67 19.52
C LEU C 387 8.94 14.29 20.40
N PHE C 388 8.87 13.95 21.69
CA PHE C 388 9.86 14.34 22.69
C PHE C 388 10.28 13.12 23.47
N ALA C 389 11.56 13.08 23.85
CA ALA C 389 12.06 12.10 24.80
C ALA C 389 13.02 12.80 25.77
N GLY C 390 12.89 12.50 27.06
CA GLY C 390 13.67 13.20 28.05
C GLY C 390 14.10 12.37 29.24
N LYS C 391 14.91 12.98 30.09
CA LYS C 391 15.09 12.46 31.43
C LYS C 391 15.32 13.63 32.39
N ILE C 392 14.76 13.52 33.58
CA ILE C 392 14.98 14.49 34.64
C ILE C 392 15.95 13.88 35.65
N GLU C 393 17.14 14.47 35.76
CA GLU C 393 18.11 14.05 36.78
C GLU C 393 18.05 15.01 37.97
N ASN C 394 17.42 16.16 37.75
CA ASN C 394 17.35 17.23 38.74
C ASN C 394 16.33 18.29 38.32
N PRO C 395 15.10 18.21 38.86
CA PRO C 395 14.07 19.13 38.40
C PRO C 395 14.46 20.59 38.58
N VAL C 396 14.02 21.40 37.64
CA VAL C 396 14.36 22.81 37.58
C VAL C 396 13.21 23.50 36.89
N PHE C 397 12.45 24.27 37.65
CA PHE C 397 11.35 25.04 37.06
C PHE C 397 11.71 26.53 37.00
C1 GOL D . 19.73 -0.43 -26.33
O1 GOL D . 18.81 -1.45 -26.71
C2 GOL D . 20.86 -0.34 -27.31
O2 GOL D . 21.99 0.34 -26.79
C3 GOL D . 21.26 -1.68 -27.92
O3 GOL D . 21.17 -1.44 -29.30
#